data_8RM3
#
_entry.id   8RM3
#
_cell.length_a   94.027
_cell.length_b   94.027
_cell.length_c   178.065
_cell.angle_alpha   90.00
_cell.angle_beta   90.00
_cell.angle_gamma   120.00
#
_symmetry.space_group_name_H-M   'P 32 2 1'
#
loop_
_entity.id
_entity.type
_entity.pdbx_description
1 polymer 'Ferrioxamine receptor FoxA'
2 non-polymer 'octyl beta-D-glucopyranoside'
3 non-polymer GLYCEROL
4 non-polymer 'AMMONIUM ION'
5 non-polymer 'DIMETHYL SULFOXIDE'
6 non-polymer (HYDROXYETHYLOXY)TRI(ETHYLOXY)OCTANE
7 non-polymer 'SULFATE ION'
8 non-polymer 'SODIUM ION'
9 non-polymer [5-[2-(dipyridin-2-ylamino)ethanoylamino]pentyl-[4-[5-[[4-[5-[ethanoyl(oxidanyl)amino]pentylamino]-4-oxidanylidene-butanoyl]-oxidanyl-amino]pentylamino]-4-oxidanylidene-butanoyl]amino]oxyiron
10 water water
#
_entity_poly.entity_id   1
_entity_poly.type   'polypeptide(L)'
_entity_poly.pdbx_seq_one_letter_code
;MTATAVVLRNAPSSLDFPRASRLSRSVRAALLSLAMAAGAAPLCASAAEAAAEQARPYAIPAGQLGDVLNRFAREAGITL
SATPAQTGGYSSQGLRGSFTVQQGLARLLADTPLEAEDQGDGSFVLREAPAKDGDVLNMQAVEVFALGNNLGSTDGYLAT
HSQIATKTSKPLLETSQTVSVITREQIDDTASKTVQQAMRYTPGIFTGQVGASNRYDYVVMRGFADNSVDNIYLDGLKAM
GDSGTFSSMQVDPYFLERIDVLKGPSSVLYGRSLPGGLVALTSKKPLYEDYRQITGSIGNMGQKEMGFDFSGPLDEEKRI
AYRLIGLGKGSDTQFDHVKEERYAIAPTLAIDFSDDTTLTLQGYLQHDPNGGYHGGVPADGTLSHHNGRHISREFFDGEP
SKDDFDRTQRMFGYQLEHRIDDVWSARQNFRYLDSDVDLSQVYAYGWSASEPNKLNRYFSGAREHLQAYIVDNMLQAEFA
TGAARHTLLTGLDYQRRRTVVDWRSGSASALDAFNPVYGDDAISYFPDDNHTRRLEQTGVYLQDLIDIDQWRFSLGLRQD
WVSVTDKNRSTGSKADDDWEKFTGRIGALYLFDNGLAPYVSYSESFNPNAYSDASGTPLAPTEGKQWELGLKFQAPGSNS
FYTASLFHITQENVASKEPQDNFYTSVGEVRSQGLELEAHTQLSDNLKLLGSYTYTDITYTKSLDGNQGHTPNQAPKHMA
SLWADYAFDAGPLSGLSIGGGARYVGETWADKENTLRVPDYTLVDARIGYDLGKLGLKGLDVSLNANNLLDKDYVASCYS
LDFCYFGEKRNVTATVNYQF
;
_entity_poly.pdbx_strand_id   A
#
loop_
_chem_comp.id
_chem_comp.type
_chem_comp.name
_chem_comp.formula
A1H1T non-polymer [5-[2-(dipyridin-2-ylamino)ethanoylamino]pentyl-[4-[5-[[4-[5-[ethanoyl(oxidanyl)amino]pentylamino]-4-oxidanylidene-butanoyl]-oxidanyl-amino]pentylamino]-4-oxidanylidene-butanoyl]amino]oxyiron 'C37 H56 Fe N9 O9'
BOG D-saccharide 'octyl beta-D-glucopyranoside' 'C14 H28 O6'
C8E non-polymer (HYDROXYETHYLOXY)TRI(ETHYLOXY)OCTANE 'C16 H34 O5'
DMS non-polymer 'DIMETHYL SULFOXIDE' 'C2 H6 O S'
GOL non-polymer GLYCEROL 'C3 H8 O3'
NA non-polymer 'SODIUM ION' 'Na 1'
NH4 non-polymer 'AMMONIUM ION' 'H4 N 1'
SO4 non-polymer 'SULFATE ION' 'O4 S -2'
#
# COMPACT_ATOMS: atom_id res chain seq x y z
N VAL A 144 -5.63 15.52 -23.37
CA VAL A 144 -6.77 14.56 -23.28
C VAL A 144 -6.14 13.20 -22.97
N PHE A 145 -6.39 12.18 -23.80
CA PHE A 145 -5.85 10.83 -23.58
C PHE A 145 -6.37 10.26 -22.26
N ALA A 146 -7.58 9.73 -22.32
CA ALA A 146 -8.21 9.03 -21.22
C ALA A 146 -7.46 7.74 -20.84
N LEU A 147 -6.96 6.99 -21.82
CA LEU A 147 -6.50 5.63 -21.59
C LEU A 147 -5.34 5.59 -20.61
N GLY A 148 -5.54 4.87 -19.50
CA GLY A 148 -4.52 4.67 -18.49
C GLY A 148 -4.16 5.92 -17.67
N ASN A 149 -4.95 7.00 -17.78
CA ASN A 149 -4.69 8.24 -17.08
C ASN A 149 -5.87 8.61 -16.19
N ASN A 150 -5.59 9.22 -15.05
CA ASN A 150 -6.65 9.67 -14.17
C ASN A 150 -7.35 10.88 -14.78
N LEU A 151 -6.56 11.87 -15.21
CA LEU A 151 -7.07 13.17 -15.58
C LEU A 151 -7.98 13.68 -14.47
N GLY A 152 -9.02 14.41 -14.88
CA GLY A 152 -9.89 15.07 -13.95
C GLY A 152 -9.16 16.27 -13.36
N SER A 153 -9.68 16.73 -12.23
CA SER A 153 -9.03 17.77 -11.48
C SER A 153 -8.84 17.29 -10.05
N THR A 154 -8.01 18.03 -9.30
CA THR A 154 -7.89 17.80 -7.87
C THR A 154 -7.95 19.15 -7.20
N ASP A 155 -8.61 19.21 -6.04
CA ASP A 155 -8.69 20.44 -5.26
C ASP A 155 -8.59 20.09 -3.78
N GLY A 156 -7.50 20.52 -3.14
CA GLY A 156 -7.23 20.16 -1.75
C GLY A 156 -7.02 18.66 -1.61
N TYR A 157 -7.94 18.00 -0.90
CA TYR A 157 -7.85 16.59 -0.63
C TYR A 157 -8.77 15.76 -1.52
N LEU A 158 -9.40 16.42 -2.53
CA LEU A 158 -10.47 15.79 -3.29
C LEU A 158 -10.14 15.74 -4.77
N ALA A 159 -10.08 14.52 -5.31
CA ALA A 159 -9.97 14.29 -6.74
C ALA A 159 -11.37 14.04 -7.31
N THR A 160 -11.56 14.33 -8.59
CA THR A 160 -12.82 14.08 -9.28
C THR A 160 -12.79 12.76 -10.04
N HIS A 161 -11.66 12.41 -10.67
CA HIS A 161 -11.58 11.24 -11.56
C HIS A 161 -10.54 10.25 -11.07
N SER A 162 -10.58 9.04 -11.64
CA SER A 162 -9.56 8.02 -11.46
C SER A 162 -9.58 7.05 -12.64
N GLN A 163 -8.50 6.27 -12.80
CA GLN A 163 -8.44 5.18 -13.77
C GLN A 163 -8.23 3.82 -13.08
N ILE A 164 -8.12 3.79 -11.74
CA ILE A 164 -7.76 2.58 -11.01
C ILE A 164 -8.78 1.46 -11.27
N ALA A 165 -10.06 1.79 -11.43
CA ALA A 165 -11.09 0.77 -11.56
C ALA A 165 -11.50 0.52 -13.02
N THR A 166 -10.93 1.28 -13.96
CA THR A 166 -11.38 1.27 -15.35
C THR A 166 -10.23 1.14 -16.34
N LYS A 167 -9.01 1.54 -15.93
CA LYS A 167 -7.87 1.65 -16.82
C LYS A 167 -8.16 2.75 -17.87
N THR A 168 -9.14 3.60 -17.57
CA THR A 168 -9.47 4.75 -18.41
C THR A 168 -10.15 5.80 -17.51
N SER A 169 -9.76 7.08 -17.69
CA SER A 169 -10.30 8.18 -16.88
C SER A 169 -11.82 8.08 -16.80
N LYS A 170 -12.34 8.03 -15.58
CA LYS A 170 -13.77 7.97 -15.33
C LYS A 170 -14.05 8.77 -14.07
N PRO A 171 -15.07 9.65 -14.02
CA PRO A 171 -15.41 10.36 -12.78
C PRO A 171 -15.68 9.38 -11.64
N LEU A 172 -15.17 9.69 -10.46
CA LEU A 172 -15.46 8.90 -9.27
C LEU A 172 -16.97 8.70 -9.14
N LEU A 173 -17.75 9.75 -9.42
CA LEU A 173 -19.20 9.73 -9.22
C LEU A 173 -19.88 8.71 -10.14
N GLU A 174 -19.26 8.39 -11.29
CA GLU A 174 -19.85 7.50 -12.28
C GLU A 174 -19.19 6.13 -12.33
N THR A 175 -18.43 5.77 -11.29
CA THR A 175 -17.71 4.51 -11.22
C THR A 175 -18.41 3.62 -10.19
N SER A 176 -18.75 2.40 -10.58
CA SER A 176 -19.47 1.47 -9.74
C SER A 176 -18.52 0.63 -8.87
N GLN A 177 -17.55 1.29 -8.23
CA GLN A 177 -16.65 0.64 -7.30
C GLN A 177 -16.32 1.66 -6.21
N THR A 178 -15.81 1.18 -5.08
CA THR A 178 -15.37 2.08 -4.03
C THR A 178 -13.93 2.49 -4.36
N VAL A 179 -13.72 3.78 -4.59
CA VAL A 179 -12.40 4.31 -4.90
C VAL A 179 -12.13 5.50 -3.98
N SER A 180 -10.94 5.55 -3.38
CA SER A 180 -10.46 6.71 -2.64
C SER A 180 -9.23 7.28 -3.32
N VAL A 181 -9.08 8.59 -3.28
CA VAL A 181 -7.89 9.25 -3.77
C VAL A 181 -7.30 10.10 -2.64
N ILE A 182 -6.01 9.86 -2.36
CA ILE A 182 -5.23 10.63 -1.42
C ILE A 182 -4.33 11.51 -2.26
N THR A 183 -4.52 12.83 -2.13
CA THR A 183 -3.76 13.78 -2.94
C THR A 183 -2.39 14.02 -2.32
N ARG A 184 -1.51 14.59 -3.15
CA ARG A 184 -0.25 15.15 -2.70
C ARG A 184 -0.46 16.02 -1.47
N GLU A 185 -1.44 16.92 -1.51
CA GLU A 185 -1.62 17.83 -0.41
C GLU A 185 -1.84 17.04 0.87
N GLN A 186 -2.74 16.06 0.83
CA GLN A 186 -3.05 15.29 2.01
C GLN A 186 -1.77 14.62 2.53
N ILE A 187 -0.99 14.05 1.62
CA ILE A 187 0.24 13.38 2.01
C ILE A 187 1.12 14.37 2.78
N ASP A 188 1.23 15.60 2.29
CA ASP A 188 2.09 16.60 2.89
C ASP A 188 1.50 17.10 4.22
N ASP A 189 0.20 17.42 4.22
CA ASP A 189 -0.42 18.04 5.38
C ASP A 189 -0.36 17.13 6.61
N THR A 190 -0.51 15.81 6.42
CA THR A 190 -0.50 14.91 7.55
C THR A 190 0.90 14.42 7.89
N ALA A 191 1.91 14.84 7.12
CA ALA A 191 3.28 14.39 7.30
C ALA A 191 3.33 12.87 7.31
N SER A 192 2.85 12.28 6.21
CA SER A 192 2.90 10.84 6.03
C SER A 192 4.26 10.48 5.47
N LYS A 193 5.00 9.63 6.18
CA LYS A 193 6.39 9.34 5.85
C LYS A 193 6.49 8.15 4.88
N THR A 194 5.43 7.35 4.77
CA THR A 194 5.39 6.14 3.96
C THR A 194 4.02 6.05 3.28
N VAL A 195 3.92 5.19 2.27
CA VAL A 195 2.65 4.93 1.62
C VAL A 195 1.66 4.39 2.64
N GLN A 196 2.13 3.50 3.52
CA GLN A 196 1.26 2.88 4.52
C GLN A 196 0.65 3.95 5.43
N GLN A 197 1.48 4.86 5.94
CA GLN A 197 0.97 5.93 6.80
C GLN A 197 0.08 6.90 6.02
N ALA A 198 0.25 7.04 4.71
CA ALA A 198 -0.60 7.97 3.98
C ALA A 198 -2.06 7.52 4.02
N MET A 199 -2.29 6.24 4.40
CA MET A 199 -3.60 5.61 4.31
C MET A 199 -4.38 5.68 5.61
N ARG A 200 -3.85 6.39 6.63
CA ARG A 200 -4.46 6.33 7.97
C ARG A 200 -5.77 7.11 8.10
N TYR A 201 -6.17 7.88 7.07
CA TYR A 201 -7.42 8.64 7.12
C TYR A 201 -8.38 8.15 6.03
N THR A 202 -8.14 6.92 5.54
CA THR A 202 -8.96 6.32 4.49
C THR A 202 -9.76 5.18 5.11
N PRO A 203 -11.08 5.07 4.85
CA PRO A 203 -11.87 4.00 5.44
C PRO A 203 -11.51 2.65 4.84
N GLY A 204 -11.74 1.59 5.65
CA GLY A 204 -11.58 0.21 5.20
C GLY A 204 -10.11 -0.22 5.12
N ILE A 205 -9.21 0.60 5.68
CA ILE A 205 -7.79 0.31 5.68
C ILE A 205 -7.25 0.37 7.10
N PHE A 206 -6.61 -0.73 7.54
CA PHE A 206 -5.91 -0.78 8.80
C PHE A 206 -4.42 -0.64 8.54
N THR A 207 -3.75 0.26 9.27
CA THR A 207 -2.35 0.58 9.01
C THR A 207 -1.40 0.14 10.13
N GLY A 208 -1.72 -0.89 10.92
CA GLY A 208 -0.82 -1.25 12.01
C GLY A 208 -0.35 -2.70 12.01
N GLN A 209 -0.14 -3.33 10.84
CA GLN A 209 0.15 -4.76 10.78
C GLN A 209 1.47 -5.08 11.50
N VAL A 210 2.51 -4.26 11.32
CA VAL A 210 3.73 -4.47 12.09
C VAL A 210 4.04 -3.20 12.89
N GLY A 211 2.97 -2.49 13.32
CA GLY A 211 3.14 -1.29 14.13
C GLY A 211 4.03 -0.26 13.44
N ALA A 212 4.92 0.35 14.22
CA ALA A 212 5.74 1.48 13.80
C ALA A 212 6.75 1.14 12.71
N SER A 213 6.87 -0.12 12.30
CA SER A 213 7.83 -0.47 11.27
C SER A 213 7.59 0.33 10.00
N ASN A 214 8.67 0.74 9.32
CA ASN A 214 8.58 1.42 8.03
C ASN A 214 9.34 0.66 6.95
N ARG A 215 9.77 -0.57 7.23
CA ARG A 215 10.56 -1.34 6.29
C ARG A 215 9.74 -1.67 5.04
N TYR A 216 8.49 -2.06 5.25
CA TYR A 216 7.61 -2.46 4.15
C TYR A 216 6.24 -1.80 4.31
N ASP A 217 5.53 -1.67 3.18
CA ASP A 217 4.21 -1.06 3.18
C ASP A 217 3.14 -2.13 3.30
N TYR A 218 2.48 -2.16 4.47
CA TYR A 218 1.38 -3.05 4.76
C TYR A 218 0.08 -2.26 4.74
N VAL A 219 -0.73 -2.50 3.72
CA VAL A 219 -2.01 -1.85 3.58
C VAL A 219 -3.05 -2.95 3.63
N VAL A 220 -3.69 -3.09 4.81
CA VAL A 220 -4.69 -4.10 5.03
C VAL A 220 -6.06 -3.54 4.63
N MET A 221 -6.72 -4.23 3.71
CA MET A 221 -7.93 -3.72 3.09
C MET A 221 -9.09 -4.67 3.39
N ARG A 222 -10.19 -4.12 3.92
CA ARG A 222 -11.38 -4.88 4.24
C ARG A 222 -11.03 -6.13 5.08
N GLY A 223 -10.00 -6.02 5.92
CA GLY A 223 -9.66 -7.07 6.85
C GLY A 223 -8.66 -8.11 6.33
N PHE A 224 -8.21 -8.02 5.07
CA PHE A 224 -7.37 -9.06 4.50
C PHE A 224 -5.88 -8.76 4.72
N ALA A 225 -5.31 -9.31 5.80
CA ALA A 225 -3.93 -9.03 6.19
C ALA A 225 -2.90 -9.95 5.50
N ASP A 226 -3.28 -11.18 5.15
CA ASP A 226 -2.36 -12.12 4.53
C ASP A 226 -1.98 -11.64 3.13
N ASN A 227 -0.68 -11.59 2.87
CA ASN A 227 -0.14 -11.15 1.59
C ASN A 227 -0.50 -9.70 1.30
N SER A 228 -0.78 -8.91 2.35
CA SER A 228 -1.07 -7.50 2.19
C SER A 228 0.06 -6.75 1.52
N VAL A 229 1.29 -7.22 1.69
CA VAL A 229 2.44 -6.54 1.13
C VAL A 229 2.36 -6.49 -0.40
N ASP A 230 1.46 -7.29 -0.99
CA ASP A 230 1.35 -7.44 -2.44
C ASP A 230 0.17 -6.65 -3.03
N ASN A 231 -0.28 -5.60 -2.33
CA ASN A 231 -1.44 -4.84 -2.76
C ASN A 231 -1.05 -3.67 -3.67
N ILE A 232 0.24 -3.42 -3.89
CA ILE A 232 0.73 -2.14 -4.40
C ILE A 232 0.99 -2.22 -5.91
N TYR A 233 0.39 -1.27 -6.65
CA TYR A 233 0.65 -1.04 -8.06
C TYR A 233 1.29 0.34 -8.20
N LEU A 234 2.22 0.45 -9.15
CA LEU A 234 2.91 1.70 -9.42
C LEU A 234 2.71 2.02 -10.89
N ASP A 235 2.15 3.18 -11.19
CA ASP A 235 1.94 3.57 -12.57
C ASP A 235 1.25 2.47 -13.36
N GLY A 236 0.14 1.94 -12.85
CA GLY A 236 -0.65 0.98 -13.58
C GLY A 236 -0.10 -0.43 -13.60
N LEU A 237 1.04 -0.71 -12.93
CA LEU A 237 1.72 -2.01 -13.01
C LEU A 237 2.08 -2.54 -11.62
N LYS A 238 1.85 -3.84 -11.40
CA LYS A 238 2.22 -4.48 -10.15
C LYS A 238 3.68 -4.16 -9.79
N ALA A 239 3.92 -3.89 -8.51
CA ALA A 239 5.28 -3.64 -8.02
C ALA A 239 6.24 -4.80 -8.33
N MET A 240 5.75 -6.05 -8.37
CA MET A 240 6.50 -7.22 -8.84
C MET A 240 7.50 -7.73 -7.78
N GLY A 241 7.24 -7.44 -6.50
CA GLY A 241 8.00 -8.05 -5.42
C GLY A 241 7.55 -9.50 -5.19
N ASP A 242 8.28 -10.25 -4.40
CA ASP A 242 7.94 -11.65 -4.11
C ASP A 242 7.59 -11.74 -2.62
N SER A 243 6.29 -11.80 -2.33
CA SER A 243 5.83 -11.87 -0.95
C SER A 243 6.15 -13.22 -0.29
N GLY A 244 6.69 -14.18 -1.04
CA GLY A 244 7.28 -15.35 -0.42
C GLY A 244 8.71 -15.13 0.07
N THR A 245 9.27 -13.93 -0.12
CA THR A 245 10.66 -13.64 0.21
C THR A 245 10.74 -12.38 1.05
N PHE A 246 11.96 -11.87 1.26
CA PHE A 246 12.15 -10.55 1.85
C PHE A 246 12.16 -9.45 0.80
N SER A 247 12.07 -9.83 -0.47
CA SER A 247 12.23 -8.88 -1.57
C SER A 247 10.89 -8.23 -1.91
N SER A 248 10.38 -7.43 -0.98
CA SER A 248 9.23 -6.56 -1.24
C SER A 248 9.72 -5.13 -1.32
N MET A 249 9.22 -4.44 -2.36
CA MET A 249 9.73 -3.15 -2.77
C MET A 249 8.96 -2.07 -1.99
N GLN A 250 9.57 -0.90 -1.90
CA GLN A 250 8.90 0.20 -1.25
C GLN A 250 9.15 1.46 -2.08
N VAL A 251 8.06 2.14 -2.43
CA VAL A 251 8.12 3.39 -3.17
C VAL A 251 8.04 4.56 -2.19
N ASP A 252 8.98 5.49 -2.28
CA ASP A 252 8.98 6.62 -1.37
C ASP A 252 7.91 7.64 -1.77
N PRO A 253 7.08 8.13 -0.81
CA PRO A 253 5.99 9.05 -1.16
C PRO A 253 6.44 10.34 -1.83
N TYR A 254 7.72 10.71 -1.68
CA TYR A 254 8.17 11.97 -2.22
C TYR A 254 8.00 11.99 -3.73
N PHE A 255 8.00 10.81 -4.37
CA PHE A 255 7.99 10.73 -5.84
C PHE A 255 6.57 10.60 -6.39
N LEU A 256 5.56 10.76 -5.53
CA LEU A 256 4.17 10.46 -5.87
C LEU A 256 3.36 11.73 -6.01
N GLU A 257 2.44 11.71 -7.00
CA GLU A 257 1.48 12.78 -7.17
C GLU A 257 0.20 12.44 -6.42
N ARG A 258 -0.22 11.17 -6.45
CA ARG A 258 -1.43 10.75 -5.78
C ARG A 258 -1.39 9.26 -5.49
N ILE A 259 -2.28 8.84 -4.60
CA ILE A 259 -2.48 7.44 -4.25
C ILE A 259 -3.96 7.14 -4.42
N ASP A 260 -4.27 6.14 -5.23
CA ASP A 260 -5.64 5.72 -5.47
C ASP A 260 -5.83 4.39 -4.78
N VAL A 261 -7.02 4.18 -4.22
CA VAL A 261 -7.35 2.96 -3.51
C VAL A 261 -8.62 2.35 -4.06
N LEU A 262 -8.53 1.09 -4.48
CA LEU A 262 -9.65 0.34 -5.06
C LEU A 262 -10.02 -0.79 -4.12
N LYS A 263 -11.25 -0.79 -3.62
CA LYS A 263 -11.66 -1.79 -2.65
C LYS A 263 -12.26 -3.01 -3.35
N GLY A 264 -11.94 -4.17 -2.80
CA GLY A 264 -12.56 -5.42 -3.20
C GLY A 264 -11.86 -6.09 -4.36
N PRO A 265 -12.27 -7.34 -4.69
CA PRO A 265 -11.64 -8.09 -5.77
C PRO A 265 -11.62 -7.30 -7.07
N SER A 266 -10.43 -7.22 -7.68
CA SER A 266 -10.22 -6.36 -8.84
C SER A 266 -9.33 -7.02 -9.90
N SER A 267 -9.29 -8.36 -9.92
CA SER A 267 -8.45 -9.12 -10.85
C SER A 267 -8.87 -8.98 -12.31
N VAL A 268 -10.10 -8.53 -12.58
CA VAL A 268 -10.59 -8.47 -13.95
C VAL A 268 -9.74 -7.54 -14.83
N LEU A 269 -8.99 -6.61 -14.24
CA LEU A 269 -8.11 -5.74 -15.01
C LEU A 269 -6.63 -5.90 -14.63
N TYR A 270 -6.32 -6.61 -13.54
CA TYR A 270 -4.97 -6.61 -13.00
C TYR A 270 -4.39 -8.01 -12.86
N GLY A 271 -5.22 -9.04 -12.77
CA GLY A 271 -4.71 -10.39 -12.58
C GLY A 271 -4.58 -10.73 -11.09
N ARG A 272 -3.50 -11.42 -10.73
CA ARG A 272 -3.28 -11.91 -9.39
C ARG A 272 -3.34 -10.75 -8.40
N SER A 273 -4.18 -10.88 -7.37
CA SER A 273 -4.37 -9.81 -6.40
C SER A 273 -5.27 -10.34 -5.28
N LEU A 274 -5.41 -9.53 -4.23
CA LEU A 274 -6.03 -9.97 -3.01
C LEU A 274 -7.49 -9.54 -2.99
N PRO A 275 -8.33 -10.19 -2.14
CA PRO A 275 -9.76 -9.91 -2.14
C PRO A 275 -10.17 -8.59 -1.50
N GLY A 276 -9.27 -7.91 -0.77
CA GLY A 276 -9.60 -6.64 -0.13
C GLY A 276 -9.57 -5.43 -1.06
N GLY A 277 -8.79 -5.51 -2.13
CA GLY A 277 -8.64 -4.38 -3.03
C GLY A 277 -7.20 -4.23 -3.47
N LEU A 278 -6.85 -3.07 -4.01
CA LEU A 278 -5.47 -2.78 -4.36
C LEU A 278 -5.19 -1.27 -4.26
N VAL A 279 -3.92 -0.92 -4.21
CA VAL A 279 -3.48 0.47 -4.15
C VAL A 279 -2.66 0.80 -5.40
N ALA A 280 -2.97 1.95 -6.03
CA ALA A 280 -2.25 2.42 -7.21
C ALA A 280 -1.57 3.75 -6.88
N LEU A 281 -0.24 3.76 -6.99
CA LEU A 281 0.56 4.96 -6.86
C LEU A 281 0.76 5.58 -8.24
N THR A 282 0.54 6.90 -8.33
CA THR A 282 0.82 7.67 -9.54
C THR A 282 2.04 8.52 -9.26
N SER A 283 3.12 8.27 -9.98
CA SER A 283 4.32 9.06 -9.78
C SER A 283 4.15 10.47 -10.37
N LYS A 284 4.96 11.39 -9.86
CA LYS A 284 5.10 12.71 -10.45
C LYS A 284 5.59 12.57 -11.88
N LYS A 285 5.08 13.45 -12.74
CA LYS A 285 5.39 13.45 -14.17
C LYS A 285 5.97 14.80 -14.57
N PRO A 286 6.69 14.89 -15.70
CA PRO A 286 7.29 16.16 -16.12
C PRO A 286 6.24 17.22 -16.40
N LEU A 287 6.50 18.43 -15.89
CA LEU A 287 5.64 19.57 -16.12
C LEU A 287 6.18 20.38 -17.29
N TYR A 288 5.26 21.09 -17.97
CA TYR A 288 5.60 21.83 -19.17
C TYR A 288 5.74 23.33 -18.88
N GLU A 289 5.93 23.69 -17.60
CA GLU A 289 6.50 24.96 -17.20
C GLU A 289 7.48 24.74 -16.05
N ASP A 290 8.50 25.61 -15.97
CA ASP A 290 9.59 25.42 -15.03
C ASP A 290 9.07 25.33 -13.61
N TYR A 291 9.60 24.36 -12.86
CA TYR A 291 9.25 24.17 -11.46
C TYR A 291 10.47 23.62 -10.75
N ARG A 292 10.94 24.35 -9.74
CA ARG A 292 12.05 23.92 -8.92
C ARG A 292 11.63 23.98 -7.46
N GLN A 293 11.98 22.96 -6.68
CA GLN A 293 11.70 22.94 -5.25
C GLN A 293 12.86 22.23 -4.54
N ILE A 294 13.37 22.86 -3.47
CA ILE A 294 14.28 22.22 -2.55
C ILE A 294 13.52 22.06 -1.24
N THR A 295 13.67 20.91 -0.58
CA THR A 295 12.95 20.66 0.65
C THR A 295 13.94 20.11 1.69
N GLY A 296 13.75 20.53 2.94
CA GLY A 296 14.59 20.06 4.02
C GLY A 296 13.75 19.88 5.27
N SER A 297 14.01 18.81 6.03
CA SER A 297 13.17 18.48 7.17
C SER A 297 14.05 17.95 8.30
N ILE A 298 13.54 18.10 9.53
CA ILE A 298 14.26 17.67 10.72
C ILE A 298 13.21 17.43 11.81
N GLY A 299 13.39 16.34 12.59
CA GLY A 299 12.44 16.03 13.65
C GLY A 299 13.08 15.24 14.78
N ASN A 300 12.24 14.72 15.67
CA ASN A 300 12.67 13.88 16.77
C ASN A 300 13.18 12.55 16.21
N MET A 301 13.57 11.63 17.11
CA MET A 301 14.04 10.31 16.73
C MET A 301 15.17 10.42 15.70
N GLY A 302 15.88 11.56 15.69
CA GLY A 302 17.00 11.77 14.79
C GLY A 302 16.58 11.86 13.33
N GLN A 303 15.34 12.29 13.08
CA GLN A 303 14.80 12.30 11.73
C GLN A 303 15.45 13.44 10.96
N LYS A 304 15.97 13.14 9.77
CA LYS A 304 16.50 14.15 8.87
C LYS A 304 16.12 13.77 7.44
N GLU A 305 15.84 14.78 6.60
CA GLU A 305 15.54 14.49 5.21
C GLU A 305 15.89 15.71 4.37
N MET A 306 16.47 15.47 3.18
CA MET A 306 16.64 16.51 2.21
C MET A 306 16.25 16.02 0.82
N GLY A 307 15.56 16.87 0.05
CA GLY A 307 15.16 16.48 -1.29
C GLY A 307 15.05 17.68 -2.23
N PHE A 308 15.11 17.38 -3.53
CA PHE A 308 14.84 18.36 -4.56
C PHE A 308 13.92 17.75 -5.61
N ASP A 309 13.29 18.65 -6.38
CA ASP A 309 12.25 18.29 -7.34
C ASP A 309 12.26 19.33 -8.45
N PHE A 310 12.81 18.95 -9.61
CA PHE A 310 13.06 19.86 -10.72
C PHE A 310 12.32 19.37 -11.94
N SER A 311 11.62 20.30 -12.60
CA SER A 311 10.79 19.93 -13.73
C SER A 311 10.72 21.10 -14.70
N GLY A 312 10.55 20.79 -15.99
CA GLY A 312 10.30 21.83 -16.94
C GLY A 312 10.44 21.34 -18.37
N PRO A 313 10.16 22.23 -19.35
CA PRO A 313 10.36 21.90 -20.76
C PRO A 313 11.84 22.05 -21.12
N LEU A 314 12.21 21.44 -22.25
CA LEU A 314 13.60 21.43 -22.70
C LEU A 314 13.76 22.05 -24.09
N ASP A 315 12.66 22.20 -24.83
CA ASP A 315 12.68 22.86 -26.12
C ASP A 315 11.71 24.05 -26.08
N GLU A 316 11.80 24.91 -27.10
CA GLU A 316 10.98 26.10 -27.14
C GLU A 316 9.51 25.76 -27.43
N GLU A 317 9.24 24.62 -28.09
CA GLU A 317 7.90 24.28 -28.53
C GLU A 317 7.12 23.53 -27.44
N LYS A 318 7.79 23.23 -26.32
CA LYS A 318 7.16 22.61 -25.16
C LYS A 318 6.60 21.23 -25.45
N ARG A 319 7.19 20.54 -26.44
CA ARG A 319 6.79 19.17 -26.74
C ARG A 319 7.64 18.14 -25.97
N ILE A 320 8.73 18.59 -25.33
CA ILE A 320 9.66 17.71 -24.63
C ILE A 320 9.85 18.28 -23.24
N ALA A 321 9.69 17.44 -22.21
CA ALA A 321 9.80 17.93 -20.85
C ALA A 321 10.47 16.90 -19.95
N TYR A 322 11.01 17.37 -18.82
CA TYR A 322 11.77 16.52 -17.94
C TYR A 322 11.35 16.75 -16.50
N ARG A 323 11.69 15.77 -15.64
CA ARG A 323 11.53 15.86 -14.21
C ARG A 323 12.64 15.06 -13.56
N LEU A 324 13.17 15.57 -12.46
CA LEU A 324 14.26 14.94 -11.73
C LEU A 324 13.99 15.18 -10.26
N ILE A 325 13.84 14.08 -9.51
CA ILE A 325 13.53 14.17 -8.10
C ILE A 325 14.60 13.40 -7.33
N GLY A 326 15.13 14.02 -6.26
CA GLY A 326 16.18 13.42 -5.48
C GLY A 326 15.82 13.40 -4.01
N LEU A 327 16.43 12.48 -3.25
CA LEU A 327 16.03 12.26 -1.87
C LEU A 327 17.18 11.60 -1.11
N GLY A 328 17.55 12.24 -0.01
CA GLY A 328 18.43 11.67 0.98
C GLY A 328 17.74 11.83 2.32
N LYS A 329 17.65 10.75 3.10
CA LYS A 329 16.91 10.84 4.32
C LYS A 329 17.40 9.78 5.28
N GLY A 330 17.13 10.02 6.56
CA GLY A 330 17.56 9.09 7.58
C GLY A 330 16.77 9.32 8.86
N SER A 331 16.81 8.33 9.75
CA SER A 331 16.17 8.44 11.03
C SER A 331 16.66 7.33 11.94
N ASP A 332 16.84 7.65 13.22
CA ASP A 332 16.89 6.60 14.23
C ASP A 332 15.43 6.28 14.45
N THR A 333 15.09 5.20 15.14
CA THR A 333 13.66 5.03 15.31
C THR A 333 13.34 5.38 16.75
N GLN A 334 12.19 4.91 17.26
CA GLN A 334 11.96 4.95 18.69
C GLN A 334 12.77 3.81 19.31
N PHE A 335 13.36 2.96 18.45
CA PHE A 335 13.98 1.72 18.89
C PHE A 335 15.49 1.93 19.04
N ASP A 336 16.06 1.29 20.08
CA ASP A 336 17.48 1.45 20.39
C ASP A 336 18.27 0.68 19.34
N HIS A 337 19.46 1.21 18.97
CA HIS A 337 20.40 0.51 18.10
C HIS A 337 19.81 0.24 16.72
N VAL A 338 18.83 1.06 16.30
CA VAL A 338 18.20 0.90 14.99
C VAL A 338 18.45 2.17 14.16
N LYS A 339 18.59 2.00 12.84
CA LYS A 339 18.73 3.15 11.96
C LYS A 339 17.89 2.97 10.70
N GLU A 340 17.41 4.08 10.14
CA GLU A 340 16.74 4.10 8.86
C GLU A 340 17.51 5.07 7.98
N GLU A 341 17.75 4.69 6.72
CA GLU A 341 18.54 5.50 5.81
C GLU A 341 18.11 5.20 4.38
N ARG A 342 17.97 6.23 3.55
CA ARG A 342 17.56 6.04 2.16
C ARG A 342 18.12 7.15 1.28
N TYR A 343 18.56 6.76 0.08
CA TYR A 343 18.96 7.71 -0.94
C TYR A 343 18.25 7.27 -2.21
N ALA A 344 17.75 8.24 -3.00
CA ALA A 344 16.94 7.91 -4.16
C ALA A 344 16.96 9.04 -5.19
N ILE A 345 16.83 8.63 -6.46
CA ILE A 345 16.80 9.55 -7.58
C ILE A 345 15.86 8.95 -8.61
N ALA A 346 15.07 9.80 -9.28
CA ALA A 346 14.18 9.33 -10.33
C ALA A 346 14.19 10.33 -11.48
N PRO A 347 14.85 10.02 -12.62
CA PRO A 347 14.72 10.84 -13.81
C PRO A 347 13.55 10.39 -14.68
N THR A 348 12.81 11.37 -15.21
CA THR A 348 11.70 11.10 -16.12
C THR A 348 11.82 12.05 -17.31
N LEU A 349 11.45 11.57 -18.50
CA LEU A 349 11.49 12.39 -19.69
C LEU A 349 10.24 12.10 -20.52
N ALA A 350 9.52 13.16 -20.91
CA ALA A 350 8.33 13.06 -21.74
C ALA A 350 8.56 13.72 -23.10
N ILE A 351 8.17 13.04 -24.16
CA ILE A 351 8.34 13.54 -25.51
C ILE A 351 7.01 13.36 -26.23
N ASP A 352 6.42 14.48 -26.64
CA ASP A 352 5.30 14.46 -27.55
C ASP A 352 5.86 14.39 -28.96
N PHE A 353 5.42 13.42 -29.77
CA PHE A 353 5.88 13.33 -31.15
C PHE A 353 4.99 14.17 -32.07
N SER A 354 3.69 13.97 -31.94
CA SER A 354 2.68 14.76 -32.66
C SER A 354 1.59 15.09 -31.65
N ASP A 355 0.46 15.57 -32.16
CA ASP A 355 -0.76 15.65 -31.35
C ASP A 355 -1.24 14.27 -30.88
N ASP A 356 -0.72 13.18 -31.48
CA ASP A 356 -1.28 11.86 -31.29
C ASP A 356 -0.41 10.95 -30.42
N THR A 357 0.86 11.27 -30.20
CA THR A 357 1.77 10.34 -29.57
C THR A 357 2.57 11.04 -28.49
N THR A 358 2.59 10.42 -27.29
CA THR A 358 3.48 10.81 -26.21
C THR A 358 4.20 9.56 -25.72
N LEU A 359 5.51 9.70 -25.46
CA LEU A 359 6.30 8.63 -24.88
C LEU A 359 6.93 9.16 -23.59
N THR A 360 6.81 8.41 -22.50
CA THR A 360 7.38 8.83 -21.24
C THR A 360 8.37 7.77 -20.78
N LEU A 361 9.60 8.20 -20.50
CA LEU A 361 10.66 7.32 -20.06
C LEU A 361 10.96 7.60 -18.60
N GLN A 362 11.01 6.54 -17.78
CA GLN A 362 11.15 6.69 -16.34
C GLN A 362 12.23 5.76 -15.81
N GLY A 363 13.03 6.30 -14.90
CA GLY A 363 13.96 5.53 -14.11
C GLY A 363 13.68 5.76 -12.64
N TYR A 364 14.04 4.78 -11.79
CA TYR A 364 13.93 4.92 -10.33
C TYR A 364 14.98 4.05 -9.64
N LEU A 365 15.92 4.70 -8.94
CA LEU A 365 17.02 4.02 -8.31
C LEU A 365 16.98 4.39 -6.83
N GLN A 366 16.85 3.38 -5.95
CA GLN A 366 16.72 3.61 -4.51
C GLN A 366 17.59 2.61 -3.72
N HIS A 367 18.37 3.16 -2.80
CA HIS A 367 19.23 2.37 -1.92
C HIS A 367 18.83 2.63 -0.47
N ASP A 368 18.51 1.54 0.25
CA ASP A 368 18.23 1.58 1.67
C ASP A 368 19.37 0.86 2.38
N PRO A 369 20.44 1.56 2.80
CA PRO A 369 21.51 0.91 3.56
C PRO A 369 21.07 0.40 4.93
N ASN A 370 20.00 0.97 5.47
CA ASN A 370 19.40 0.49 6.71
C ASN A 370 17.88 0.44 6.55
N GLY A 371 17.25 -0.55 7.17
CA GLY A 371 15.82 -0.78 6.97
C GLY A 371 15.01 -0.67 8.25
N GLY A 372 15.44 0.16 9.20
CA GLY A 372 14.68 0.38 10.42
C GLY A 372 14.48 -0.91 11.22
N TYR A 373 13.28 -1.03 11.81
CA TYR A 373 12.95 -2.14 12.70
C TYR A 373 11.79 -2.95 12.14
N HIS A 374 11.93 -4.29 12.18
CA HIS A 374 10.90 -5.20 11.71
C HIS A 374 10.86 -6.37 12.70
N GLY A 375 10.56 -6.06 13.95
CA GLY A 375 10.48 -7.07 15.00
C GLY A 375 9.15 -7.00 15.76
N GLY A 376 8.94 -8.00 16.63
CA GLY A 376 7.77 -8.07 17.50
C GLY A 376 8.13 -8.79 18.79
N VAL A 377 7.30 -8.62 19.83
CA VAL A 377 7.59 -9.17 21.14
C VAL A 377 6.31 -9.78 21.71
N PRO A 378 6.42 -10.66 22.74
CA PRO A 378 5.26 -11.40 23.21
C PRO A 378 4.17 -10.52 23.80
N ALA A 379 2.92 -10.97 23.64
CA ALA A 379 1.80 -10.38 24.33
C ALA A 379 1.97 -10.49 25.85
N ASP A 380 2.77 -11.46 26.30
CA ASP A 380 2.97 -11.66 27.73
C ASP A 380 3.43 -10.36 28.37
N GLY A 381 4.53 -9.77 27.91
CA GLY A 381 5.01 -8.57 28.56
C GLY A 381 4.62 -7.25 27.88
N THR A 382 3.63 -7.23 26.97
CA THR A 382 3.20 -6.00 26.33
C THR A 382 1.74 -5.68 26.62
N LEU A 383 0.87 -6.68 26.46
CA LEU A 383 -0.55 -6.55 26.75
C LEU A 383 -0.83 -6.89 28.21
N SER A 384 0.19 -7.38 28.90
CA SER A 384 0.10 -7.61 30.33
C SER A 384 1.51 -7.48 30.89
N HIS A 385 1.63 -7.59 32.20
CA HIS A 385 2.91 -7.46 32.87
C HIS A 385 3.60 -8.82 32.72
N HIS A 386 4.92 -8.87 32.91
CA HIS A 386 5.59 -10.16 32.95
C HIS A 386 6.51 -10.21 34.16
N ASN A 387 6.20 -11.09 35.14
CA ASN A 387 7.11 -11.46 36.23
C ASN A 387 7.44 -10.28 37.12
N GLY A 388 6.97 -9.13 36.70
CA GLY A 388 7.04 -7.92 37.49
C GLY A 388 5.94 -7.03 36.97
N ARG A 389 5.92 -5.76 37.38
CA ARG A 389 5.12 -4.78 36.69
C ARG A 389 5.91 -4.51 35.40
N HIS A 390 7.03 -5.24 35.29
CA HIS A 390 7.85 -5.19 34.09
C HIS A 390 6.94 -5.33 32.87
N ILE A 391 6.95 -4.30 32.02
CA ILE A 391 6.39 -4.39 30.69
C ILE A 391 7.55 -4.03 29.76
N SER A 392 7.65 -4.67 28.58
CA SER A 392 8.71 -4.36 27.63
C SER A 392 8.54 -2.92 27.11
N ARG A 393 9.66 -2.21 26.92
CA ARG A 393 9.65 -0.83 26.43
C ARG A 393 9.27 -0.78 24.96
N GLU A 394 8.82 0.39 24.51
CA GLU A 394 8.49 0.63 23.12
C GLU A 394 9.78 0.93 22.36
N PHE A 395 10.93 0.69 23.04
CA PHE A 395 12.25 1.05 22.55
C PHE A 395 13.24 -0.13 22.49
N PHE A 396 12.83 -1.34 22.91
CA PHE A 396 13.68 -2.54 22.98
C PHE A 396 14.13 -3.06 21.59
N ASP A 397 15.19 -3.92 21.50
CA ASP A 397 15.79 -4.37 20.22
C ASP A 397 16.15 -5.88 20.20
N GLY A 398 16.98 -6.33 19.22
CA GLY A 398 17.51 -7.69 19.08
C GLY A 398 19.04 -7.70 19.25
N GLU A 399 19.85 -7.76 18.17
CA GLU A 399 21.31 -7.80 18.38
C GLU A 399 22.12 -6.91 17.42
N PRO A 400 22.74 -5.81 17.88
CA PRO A 400 23.63 -5.01 17.03
C PRO A 400 24.86 -5.81 16.64
N SER A 401 25.56 -5.36 15.60
CA SER A 401 26.70 -6.11 15.06
C SER A 401 26.20 -7.31 14.26
N LYS A 402 24.93 -7.69 14.42
CA LYS A 402 24.32 -8.65 13.53
C LYS A 402 22.92 -8.12 13.20
N ASP A 403 22.87 -6.87 12.74
CA ASP A 403 21.59 -6.25 12.41
C ASP A 403 21.75 -5.44 11.12
N ASP A 404 21.44 -6.06 9.98
CA ASP A 404 21.53 -5.41 8.69
C ASP A 404 20.22 -5.57 7.93
N PHE A 405 19.91 -4.55 7.13
CA PHE A 405 18.97 -4.68 6.05
C PHE A 405 19.34 -3.69 4.95
N ASP A 406 19.82 -4.22 3.82
CA ASP A 406 20.27 -3.44 2.69
C ASP A 406 19.40 -3.81 1.50
N ARG A 407 18.67 -2.83 0.98
CA ARG A 407 17.77 -3.05 -0.14
C ARG A 407 18.12 -2.07 -1.25
N THR A 408 18.36 -2.56 -2.45
CA THR A 408 18.60 -1.71 -3.59
C THR A 408 17.54 -2.02 -4.65
N GLN A 409 16.86 -0.98 -5.13
CA GLN A 409 15.84 -1.09 -6.15
C GLN A 409 16.24 -0.30 -7.38
N ARG A 410 16.27 -0.97 -8.53
CA ARG A 410 16.58 -0.36 -9.81
C ARG A 410 15.41 -0.66 -10.74
N MET A 411 14.66 0.40 -11.09
CA MET A 411 13.56 0.25 -12.03
C MET A 411 13.78 1.18 -13.23
N PHE A 412 13.39 0.69 -14.41
CA PHE A 412 13.24 1.58 -15.55
C PHE A 412 12.02 1.12 -16.34
N GLY A 413 11.41 2.07 -17.04
CA GLY A 413 10.21 1.74 -17.79
C GLY A 413 9.84 2.89 -18.71
N TYR A 414 8.75 2.69 -19.43
CA TYR A 414 8.22 3.72 -20.29
C TYR A 414 6.71 3.53 -20.39
N GLN A 415 6.06 4.61 -20.81
CA GLN A 415 4.64 4.61 -21.10
C GLN A 415 4.46 5.22 -22.50
N LEU A 416 3.93 4.42 -23.42
CA LEU A 416 3.70 4.82 -24.78
C LEU A 416 2.20 5.02 -24.96
N GLU A 417 1.82 6.26 -25.35
CA GLU A 417 0.44 6.67 -25.55
C GLU A 417 0.27 7.15 -26.99
N HIS A 418 -0.58 6.46 -27.74
CA HIS A 418 -0.83 6.79 -29.12
C HIS A 418 -2.33 6.83 -29.38
N ARG A 419 -2.82 8.01 -29.78
CA ARG A 419 -4.18 8.15 -30.29
C ARG A 419 -4.15 7.87 -31.78
N ILE A 420 -4.97 6.94 -32.25
CA ILE A 420 -5.07 6.64 -33.66
C ILE A 420 -6.25 7.42 -34.25
N ASP A 421 -7.24 7.71 -33.40
CA ASP A 421 -8.54 8.18 -33.82
C ASP A 421 -9.20 8.90 -32.66
N ASP A 422 -10.31 9.61 -32.95
CA ASP A 422 -11.25 9.97 -31.90
C ASP A 422 -11.96 8.74 -31.38
N VAL A 423 -11.91 7.63 -32.11
CA VAL A 423 -12.49 6.37 -31.65
C VAL A 423 -11.41 5.49 -31.00
N TRP A 424 -10.23 5.33 -31.65
CA TRP A 424 -9.25 4.30 -31.32
C TRP A 424 -8.01 4.91 -30.65
N SER A 425 -7.61 4.35 -29.51
CA SER A 425 -6.41 4.77 -28.82
C SER A 425 -5.67 3.52 -28.31
N ALA A 426 -4.36 3.66 -28.09
CA ALA A 426 -3.55 2.54 -27.66
C ALA A 426 -2.50 2.99 -26.65
N ARG A 427 -2.05 2.06 -25.82
CA ARG A 427 -1.07 2.38 -24.79
C ARG A 427 -0.28 1.12 -24.39
N GLN A 428 1.01 1.34 -24.15
CA GLN A 428 1.90 0.29 -23.66
C GLN A 428 2.61 0.83 -22.44
N ASN A 429 2.43 0.16 -21.30
CA ASN A 429 3.14 0.44 -20.06
C ASN A 429 4.11 -0.73 -19.82
N PHE A 430 5.37 -0.39 -19.55
CA PHE A 430 6.43 -1.37 -19.39
C PHE A 430 7.28 -0.96 -18.18
N ARG A 431 7.66 -1.93 -17.34
CA ARG A 431 8.59 -1.66 -16.26
C ARG A 431 9.45 -2.89 -16.00
N TYR A 432 10.76 -2.65 -15.88
CA TYR A 432 11.70 -3.68 -15.47
C TYR A 432 12.27 -3.29 -14.12
N LEU A 433 12.37 -4.29 -13.24
CA LEU A 433 12.85 -4.12 -11.88
C LEU A 433 13.98 -5.12 -11.60
N ASP A 434 15.05 -4.62 -10.97
CA ASP A 434 16.14 -5.43 -10.49
C ASP A 434 16.46 -4.98 -9.07
N SER A 435 16.45 -5.91 -8.12
CA SER A 435 16.71 -5.51 -6.75
C SER A 435 17.53 -6.57 -6.04
N ASP A 436 18.24 -6.08 -5.03
CA ASP A 436 19.08 -6.88 -4.15
C ASP A 436 18.66 -6.61 -2.71
N VAL A 437 18.44 -7.69 -1.96
CA VAL A 437 18.16 -7.58 -0.54
C VAL A 437 19.18 -8.43 0.24
N ASP A 438 19.75 -7.81 1.28
CA ASP A 438 20.66 -8.47 2.20
C ASP A 438 20.14 -8.26 3.63
N LEU A 439 20.00 -9.36 4.37
CA LEU A 439 19.36 -9.33 5.67
C LEU A 439 20.13 -10.13 6.70
N SER A 440 20.24 -9.57 7.91
CA SER A 440 20.71 -10.27 9.09
C SER A 440 19.87 -9.78 10.24
N GLN A 441 19.14 -10.68 10.90
CA GLN A 441 18.25 -10.27 11.96
C GLN A 441 18.14 -11.34 13.04
N VAL A 442 18.58 -11.01 14.24
CA VAL A 442 18.24 -11.84 15.38
C VAL A 442 16.98 -11.25 16.00
N TYR A 443 16.04 -12.12 16.39
CA TYR A 443 14.73 -11.70 16.85
C TYR A 443 14.24 -12.62 17.98
N ALA A 444 13.34 -12.06 18.80
CA ALA A 444 12.75 -12.79 19.91
C ALA A 444 11.68 -13.75 19.39
N TYR A 445 11.60 -14.93 20.03
CA TYR A 445 10.53 -15.90 19.81
C TYR A 445 10.18 -16.55 21.14
N GLY A 446 9.34 -15.89 21.94
CA GLY A 446 8.87 -16.48 23.19
C GLY A 446 9.83 -16.20 24.35
N TRP A 447 9.37 -16.57 25.56
CA TRP A 447 10.14 -16.46 26.79
C TRP A 447 11.00 -17.70 27.00
N SER A 448 12.13 -17.52 27.69
CA SER A 448 12.99 -18.62 28.09
C SER A 448 12.31 -19.51 29.13
N ALA A 449 12.37 -20.82 28.92
CA ALA A 449 11.92 -21.76 29.93
C ALA A 449 12.92 -21.79 31.09
N SER A 450 14.20 -21.50 30.80
CA SER A 450 15.26 -21.55 31.80
C SER A 450 15.38 -20.26 32.64
N GLU A 451 15.74 -19.16 31.97
CA GLU A 451 16.04 -17.88 32.62
C GLU A 451 14.85 -16.95 32.50
N PRO A 452 14.15 -16.61 33.61
CA PRO A 452 12.74 -16.21 33.51
C PRO A 452 12.47 -14.92 32.74
N ASN A 453 13.33 -13.91 32.89
CA ASN A 453 13.05 -12.63 32.24
C ASN A 453 13.86 -12.50 30.95
N LYS A 454 14.22 -13.64 30.35
CA LYS A 454 14.96 -13.64 29.10
C LYS A 454 14.08 -14.22 27.99
N LEU A 455 14.23 -13.65 26.78
CA LEU A 455 13.53 -14.11 25.60
C LEU A 455 14.44 -15.01 24.80
N ASN A 456 13.90 -16.13 24.30
CA ASN A 456 14.63 -16.92 23.33
C ASN A 456 14.75 -16.13 22.02
N ARG A 457 15.85 -16.34 21.31
CA ARG A 457 16.10 -15.60 20.11
C ARG A 457 16.54 -16.58 19.02
N TYR A 458 16.25 -16.18 17.78
CA TYR A 458 16.60 -16.98 16.61
C TYR A 458 17.20 -16.02 15.59
N PHE A 459 17.61 -16.57 14.45
CA PHE A 459 18.28 -15.76 13.44
C PHE A 459 17.74 -16.09 12.06
N SER A 460 17.45 -15.03 11.28
CA SER A 460 17.21 -15.12 9.85
C SER A 460 18.30 -14.36 9.12
N GLY A 461 18.81 -14.95 8.04
CA GLY A 461 19.70 -14.24 7.15
C GLY A 461 19.27 -14.47 5.71
N ALA A 462 19.51 -13.48 4.85
CA ALA A 462 19.00 -13.54 3.48
C ALA A 462 19.92 -12.78 2.53
N ARG A 463 20.16 -13.39 1.38
CA ARG A 463 20.77 -12.75 0.26
C ARG A 463 19.85 -13.02 -0.91
N GLU A 464 19.20 -11.97 -1.43
CA GLU A 464 18.14 -12.13 -2.41
C GLU A 464 18.37 -11.20 -3.59
N HIS A 465 18.22 -11.73 -4.79
CA HIS A 465 18.31 -10.97 -6.02
C HIS A 465 17.02 -11.20 -6.79
N LEU A 466 16.30 -10.11 -7.09
CA LEU A 466 15.02 -10.22 -7.79
C LEU A 466 15.07 -9.52 -9.15
N GLN A 467 14.53 -10.18 -10.17
CA GLN A 467 14.43 -9.67 -11.51
C GLN A 467 12.98 -9.81 -11.95
N ALA A 468 12.38 -8.71 -12.46
CA ALA A 468 10.96 -8.73 -12.79
C ALA A 468 10.65 -7.83 -13.98
N TYR A 469 9.92 -8.38 -14.95
CA TYR A 469 9.46 -7.70 -16.15
C TYR A 469 7.94 -7.67 -16.08
N ILE A 470 7.37 -6.49 -16.33
CA ILE A 470 5.93 -6.35 -16.47
C ILE A 470 5.64 -5.45 -17.69
N VAL A 471 4.77 -5.92 -18.59
CA VAL A 471 4.24 -5.11 -19.67
C VAL A 471 2.71 -5.22 -19.74
N ASP A 472 2.06 -4.10 -20.12
CA ASP A 472 0.62 -4.02 -20.30
C ASP A 472 0.32 -3.32 -21.64
N ASN A 473 -0.43 -4.02 -22.48
CA ASN A 473 -0.75 -3.53 -23.82
C ASN A 473 -2.25 -3.30 -23.91
N MET A 474 -2.66 -2.07 -24.22
CA MET A 474 -4.08 -1.72 -24.16
C MET A 474 -4.55 -1.14 -25.50
N LEU A 475 -5.73 -1.58 -25.96
CA LEU A 475 -6.38 -1.00 -27.12
C LEU A 475 -7.80 -0.62 -26.75
N GLN A 476 -8.17 0.67 -26.98
CA GLN A 476 -9.46 1.21 -26.54
C GLN A 476 -10.20 1.84 -27.70
N ALA A 477 -11.49 1.52 -27.83
CA ALA A 477 -12.38 2.12 -28.83
C ALA A 477 -13.54 2.82 -28.11
N GLU A 478 -13.74 4.10 -28.45
CA GLU A 478 -14.83 4.92 -27.92
C GLU A 478 -15.79 5.23 -29.05
N PHE A 479 -17.03 4.74 -28.96
CA PHE A 479 -17.97 4.87 -30.06
C PHE A 479 -19.39 4.73 -29.53
N ALA A 480 -20.36 5.21 -30.32
CA ALA A 480 -21.77 5.08 -29.99
C ALA A 480 -22.43 4.04 -30.89
N THR A 481 -23.42 3.35 -30.34
CA THR A 481 -24.29 2.43 -31.07
C THR A 481 -25.71 2.87 -30.76
N GLY A 482 -26.25 3.78 -31.60
CA GLY A 482 -27.51 4.41 -31.26
C GLY A 482 -27.36 5.19 -29.97
N ALA A 483 -28.19 4.91 -28.98
CA ALA A 483 -28.18 5.72 -27.77
C ALA A 483 -27.17 5.25 -26.74
N ALA A 484 -26.39 4.20 -27.01
CA ALA A 484 -25.40 3.75 -26.03
C ALA A 484 -24.03 4.24 -26.43
N ARG A 485 -23.26 4.78 -25.48
CA ARG A 485 -21.86 5.13 -25.69
C ARG A 485 -21.02 4.01 -25.08
N HIS A 486 -20.06 3.51 -25.84
CA HIS A 486 -19.19 2.44 -25.36
C HIS A 486 -17.78 2.97 -25.22
N THR A 487 -17.14 2.59 -24.12
CA THR A 487 -15.69 2.70 -23.99
C THR A 487 -15.17 1.27 -23.87
N LEU A 488 -14.65 0.74 -24.99
CA LEU A 488 -14.40 -0.69 -25.13
C LEU A 488 -12.90 -0.92 -25.13
N LEU A 489 -12.42 -1.60 -24.08
CA LEU A 489 -11.00 -1.84 -23.88
C LEU A 489 -10.69 -3.34 -23.95
N THR A 490 -9.64 -3.64 -24.69
CA THR A 490 -9.07 -4.97 -24.77
C THR A 490 -7.60 -4.85 -24.43
N GLY A 491 -7.08 -5.82 -23.67
CA GLY A 491 -5.69 -5.76 -23.28
C GLY A 491 -5.02 -7.12 -23.11
N LEU A 492 -3.70 -7.04 -23.11
CA LEU A 492 -2.81 -8.19 -22.96
C LEU A 492 -1.67 -7.74 -22.07
N ASP A 493 -1.52 -8.38 -20.90
CA ASP A 493 -0.43 -8.02 -20.01
C ASP A 493 0.41 -9.26 -19.65
N TYR A 494 1.62 -8.99 -19.20
CA TYR A 494 2.57 -10.06 -19.04
C TYR A 494 3.47 -9.69 -17.88
N GLN A 495 3.57 -10.60 -16.91
CA GLN A 495 4.49 -10.48 -15.78
C GLN A 495 5.44 -11.69 -15.79
N ARG A 496 6.72 -11.45 -15.54
CA ARG A 496 7.69 -12.51 -15.39
C ARG A 496 8.64 -12.13 -14.26
N ARG A 497 8.76 -13.02 -13.27
CA ARG A 497 9.56 -12.73 -12.08
C ARG A 497 10.51 -13.88 -11.79
N ARG A 498 11.74 -13.55 -11.40
CA ARG A 498 12.73 -14.53 -10.98
C ARG A 498 13.37 -14.02 -9.69
N THR A 499 13.31 -14.86 -8.64
CA THR A 499 13.91 -14.50 -7.37
C THR A 499 14.93 -15.57 -6.96
N VAL A 500 16.19 -15.18 -6.82
CA VAL A 500 17.24 -16.09 -6.35
C VAL A 500 17.48 -15.79 -4.88
N VAL A 501 17.28 -16.79 -4.01
CA VAL A 501 17.35 -16.52 -2.58
C VAL A 501 18.30 -17.52 -1.90
N ASP A 502 19.18 -16.99 -1.06
CA ASP A 502 19.97 -17.80 -0.14
C ASP A 502 19.56 -17.47 1.28
N TRP A 503 18.88 -18.41 1.95
CA TRP A 503 18.41 -18.20 3.30
C TRP A 503 19.28 -18.94 4.30
N ARG A 504 19.48 -18.28 5.44
CA ARG A 504 20.24 -18.82 6.54
C ARG A 504 19.38 -18.67 7.79
N SER A 505 19.58 -19.57 8.76
CA SER A 505 18.80 -19.56 9.99
C SER A 505 19.63 -20.15 11.12
N GLY A 506 19.28 -19.81 12.36
CA GLY A 506 19.96 -20.40 13.49
C GLY A 506 19.35 -19.99 14.82
N SER A 507 20.03 -20.41 15.89
CA SER A 507 19.65 -20.09 17.26
C SER A 507 20.63 -19.03 17.78
N ALA A 508 20.13 -18.14 18.64
CA ALA A 508 20.96 -17.10 19.22
C ALA A 508 20.86 -17.14 20.74
N SER A 509 21.70 -16.35 21.40
CA SER A 509 21.69 -16.25 22.85
C SER A 509 20.37 -15.62 23.32
N ALA A 510 19.91 -16.05 24.50
CA ALA A 510 18.74 -15.47 25.12
C ALA A 510 19.07 -14.04 25.56
N LEU A 511 18.07 -13.16 25.51
CA LEU A 511 18.28 -11.76 25.86
C LEU A 511 17.26 -11.35 26.93
N ASP A 512 17.71 -10.56 27.93
CA ASP A 512 16.83 -10.03 28.96
C ASP A 512 15.96 -8.90 28.39
N ALA A 513 14.62 -8.99 28.55
CA ALA A 513 13.68 -8.08 27.89
C ALA A 513 13.68 -6.70 28.54
N PHE A 514 14.09 -6.65 29.82
CA PHE A 514 14.17 -5.40 30.55
C PHE A 514 15.61 -5.33 31.05
N ASN A 515 16.37 -4.31 30.64
CA ASN A 515 17.80 -4.26 30.96
C ASN A 515 18.56 -5.32 30.16
N PRO A 516 18.75 -5.12 28.84
CA PRO A 516 19.40 -6.12 28.00
C PRO A 516 20.91 -5.92 27.85
N VAL A 517 21.66 -7.02 27.73
CA VAL A 517 23.10 -6.95 27.54
C VAL A 517 23.43 -7.49 26.16
N TYR A 518 23.98 -6.64 25.28
CA TYR A 518 24.23 -6.99 23.90
C TYR A 518 25.68 -7.42 23.74
N GLY A 519 25.98 -8.13 22.66
CA GLY A 519 27.34 -8.53 22.33
C GLY A 519 27.53 -10.05 22.28
N ASP A 520 26.56 -10.81 22.79
CA ASP A 520 26.56 -12.25 22.58
C ASP A 520 25.86 -12.56 21.26
N ASP A 521 26.60 -12.39 20.16
CA ASP A 521 26.04 -12.48 18.82
C ASP A 521 26.41 -13.79 18.09
N ALA A 522 26.87 -14.81 18.82
CA ALA A 522 27.19 -16.11 18.23
C ALA A 522 25.91 -16.79 17.78
N ILE A 523 25.92 -17.42 16.61
CA ILE A 523 24.74 -18.10 16.10
C ILE A 523 25.09 -19.57 15.88
N SER A 524 24.20 -20.48 16.30
CA SER A 524 24.32 -21.88 15.94
C SER A 524 23.44 -22.08 14.72
N TYR A 525 24.05 -22.26 13.55
CA TYR A 525 23.31 -22.25 12.30
C TYR A 525 22.59 -23.57 12.05
N PHE A 526 21.40 -23.48 11.45
CA PHE A 526 20.65 -24.62 10.98
C PHE A 526 21.03 -24.84 9.52
N PRO A 527 20.60 -25.92 8.86
CA PRO A 527 20.79 -26.08 7.42
C PRO A 527 20.30 -24.90 6.58
N ASP A 528 21.15 -24.45 5.65
CA ASP A 528 20.81 -23.38 4.73
C ASP A 528 19.61 -23.80 3.88
N ASP A 529 18.92 -22.80 3.32
CA ASP A 529 17.81 -23.08 2.43
C ASP A 529 17.87 -22.14 1.22
N ASN A 530 18.27 -22.66 0.06
CA ASN A 530 18.43 -21.87 -1.14
C ASN A 530 17.40 -22.27 -2.20
N HIS A 531 16.77 -21.26 -2.81
CA HIS A 531 15.75 -21.48 -3.82
C HIS A 531 15.90 -20.49 -4.98
N THR A 532 15.39 -20.91 -6.14
CA THR A 532 15.16 -20.02 -7.25
C THR A 532 13.67 -20.10 -7.53
N ARG A 533 12.98 -18.96 -7.33
CA ARG A 533 11.53 -18.83 -7.50
C ARG A 533 11.22 -18.12 -8.81
N ARG A 534 10.26 -18.68 -9.54
CA ARG A 534 9.85 -18.09 -10.81
C ARG A 534 8.33 -18.00 -10.85
N LEU A 535 7.85 -16.90 -11.43
CA LEU A 535 6.43 -16.68 -11.63
C LEU A 535 6.26 -16.03 -13.01
N GLU A 536 5.28 -16.54 -13.74
CA GLU A 536 4.90 -15.99 -15.03
C GLU A 536 3.37 -15.82 -15.06
N GLN A 537 2.88 -14.65 -15.48
CA GLN A 537 1.45 -14.49 -15.67
C GLN A 537 1.17 -13.77 -16.98
N THR A 538 0.29 -14.36 -17.80
CA THR A 538 -0.20 -13.75 -19.02
C THR A 538 -1.70 -13.56 -18.88
N GLY A 539 -2.17 -12.33 -19.09
CA GLY A 539 -3.58 -12.02 -18.99
C GLY A 539 -4.10 -11.39 -20.28
N VAL A 540 -5.30 -11.82 -20.67
CA VAL A 540 -6.05 -11.23 -21.76
C VAL A 540 -7.38 -10.78 -21.17
N TYR A 541 -7.70 -9.49 -21.30
CA TYR A 541 -8.90 -8.96 -20.69
C TYR A 541 -9.67 -8.06 -21.65
N LEU A 542 -10.97 -7.94 -21.37
CA LEU A 542 -11.87 -7.14 -22.17
C LEU A 542 -12.84 -6.42 -21.24
N GLN A 543 -13.09 -5.13 -21.50
CA GLN A 543 -14.03 -4.34 -20.71
C GLN A 543 -14.88 -3.45 -21.61
N ASP A 544 -16.18 -3.32 -21.28
CA ASP A 544 -17.04 -2.32 -21.88
C ASP A 544 -17.67 -1.43 -20.81
N LEU A 545 -17.42 -0.13 -20.89
CA LEU A 545 -18.12 0.88 -20.10
C LEU A 545 -19.22 1.49 -20.98
N ILE A 546 -20.48 1.15 -20.68
CA ILE A 546 -21.61 1.57 -21.48
C ILE A 546 -22.41 2.63 -20.72
N ASP A 547 -22.48 3.84 -21.32
CA ASP A 547 -23.27 4.94 -20.81
C ASP A 547 -24.50 5.05 -21.68
N ILE A 548 -25.68 4.86 -21.09
CA ILE A 548 -26.94 5.05 -21.80
C ILE A 548 -27.89 5.82 -20.88
N ASP A 549 -28.33 7.00 -21.34
CA ASP A 549 -29.15 7.89 -20.52
C ASP A 549 -28.37 8.17 -19.23
N GLN A 550 -28.97 7.93 -18.07
CA GLN A 550 -28.30 8.14 -16.79
C GLN A 550 -27.61 6.87 -16.28
N TRP A 551 -27.75 5.75 -17.01
CA TRP A 551 -27.11 4.51 -16.61
C TRP A 551 -25.64 4.49 -17.00
N ARG A 552 -24.81 4.00 -16.08
CA ARG A 552 -23.40 3.73 -16.33
C ARG A 552 -23.13 2.27 -16.00
N PHE A 553 -22.81 1.47 -17.03
CA PHE A 553 -22.64 0.04 -16.88
C PHE A 553 -21.17 -0.33 -17.10
N SER A 554 -20.71 -1.38 -16.38
CA SER A 554 -19.36 -1.90 -16.50
C SER A 554 -19.41 -3.42 -16.67
N LEU A 555 -18.80 -3.91 -17.76
CA LEU A 555 -18.74 -5.33 -18.03
C LEU A 555 -17.28 -5.70 -18.25
N GLY A 556 -16.80 -6.74 -17.56
CA GLY A 556 -15.40 -7.11 -17.59
C GLY A 556 -15.20 -8.62 -17.58
N LEU A 557 -14.22 -9.07 -18.37
CA LEU A 557 -13.88 -10.48 -18.47
C LEU A 557 -12.37 -10.59 -18.65
N ARG A 558 -11.76 -11.53 -17.93
CA ARG A 558 -10.32 -11.72 -18.02
C ARG A 558 -9.96 -13.20 -17.89
N GLN A 559 -8.93 -13.56 -18.66
CA GLN A 559 -8.35 -14.89 -18.65
C GLN A 559 -6.88 -14.77 -18.30
N ASP A 560 -6.42 -15.55 -17.32
CA ASP A 560 -5.04 -15.55 -16.89
C ASP A 560 -4.46 -16.96 -17.04
N TRP A 561 -3.26 -17.03 -17.58
CA TRP A 561 -2.44 -18.23 -17.50
C TRP A 561 -1.28 -17.95 -16.57
N VAL A 562 -1.17 -18.74 -15.50
CA VAL A 562 -0.14 -18.57 -14.51
C VAL A 562 0.72 -19.81 -14.43
N SER A 563 2.04 -19.59 -14.44
CA SER A 563 3.04 -20.60 -14.21
C SER A 563 3.93 -20.18 -13.04
N VAL A 564 4.11 -21.10 -12.07
CA VAL A 564 4.89 -20.85 -10.85
C VAL A 564 5.93 -21.97 -10.67
N THR A 565 7.19 -21.59 -10.47
CA THR A 565 8.23 -22.56 -10.22
C THR A 565 9.01 -22.27 -8.94
N ASP A 566 9.39 -23.35 -8.27
CA ASP A 566 10.23 -23.30 -7.10
C ASP A 566 11.31 -24.39 -7.19
N LYS A 567 12.54 -24.01 -7.52
CA LYS A 567 13.64 -24.95 -7.54
C LYS A 567 14.34 -24.83 -6.20
N ASN A 568 14.43 -25.95 -5.47
CA ASN A 568 15.20 -25.99 -4.25
C ASN A 568 16.64 -26.25 -4.63
N ARG A 569 17.50 -25.24 -4.52
CA ARG A 569 18.88 -25.39 -4.95
C ARG A 569 19.69 -26.21 -3.93
N SER A 570 19.20 -26.35 -2.69
CA SER A 570 19.89 -27.18 -1.70
C SER A 570 19.65 -28.67 -1.96
N THR A 571 18.44 -29.04 -2.43
CA THR A 571 18.06 -30.44 -2.64
C THR A 571 17.94 -30.80 -4.11
N GLY A 572 17.80 -29.82 -5.00
CA GLY A 572 17.65 -30.11 -6.42
C GLY A 572 16.21 -30.34 -6.83
N SER A 573 15.27 -30.46 -5.89
CA SER A 573 13.88 -30.76 -6.23
C SER A 573 13.20 -29.52 -6.79
N LYS A 574 12.34 -29.71 -7.80
CA LYS A 574 11.67 -28.59 -8.47
C LYS A 574 10.17 -28.81 -8.46
N ALA A 575 9.43 -27.83 -7.96
CA ALA A 575 7.97 -27.83 -8.01
C ALA A 575 7.52 -27.01 -9.22
N ASP A 576 6.54 -27.54 -9.96
CA ASP A 576 5.88 -26.83 -11.04
C ASP A 576 4.37 -26.84 -10.87
N ASP A 577 3.73 -25.88 -11.54
CA ASP A 577 2.30 -25.69 -11.48
C ASP A 577 1.96 -24.68 -12.57
N ASP A 578 1.05 -25.08 -13.47
CA ASP A 578 0.46 -24.25 -14.51
C ASP A 578 -1.04 -24.28 -14.31
N TRP A 579 -1.69 -23.12 -14.39
CA TRP A 579 -3.14 -23.16 -14.45
C TRP A 579 -3.67 -21.87 -15.04
N GLU A 580 -4.98 -21.86 -15.24
CA GLU A 580 -5.67 -20.72 -15.83
C GLU A 580 -6.90 -20.38 -15.00
N LYS A 581 -7.16 -19.08 -14.85
CA LYS A 581 -8.32 -18.61 -14.11
C LYS A 581 -9.08 -17.59 -14.96
N PHE A 582 -10.41 -17.72 -14.99
CA PHE A 582 -11.28 -16.70 -15.54
C PHE A 582 -11.78 -15.83 -14.39
N THR A 583 -11.86 -14.51 -14.61
CA THR A 583 -12.54 -13.64 -13.66
C THR A 583 -13.43 -12.66 -14.41
N GLY A 584 -14.46 -12.20 -13.70
CA GLY A 584 -15.48 -11.35 -14.30
C GLY A 584 -15.93 -10.28 -13.31
N ARG A 585 -16.53 -9.21 -13.87
CA ARG A 585 -17.06 -8.13 -13.08
C ARG A 585 -18.22 -7.49 -13.85
N ILE A 586 -19.31 -7.22 -13.14
CA ILE A 586 -20.44 -6.50 -13.69
C ILE A 586 -20.82 -5.41 -12.71
N GLY A 587 -20.95 -4.17 -13.21
CA GLY A 587 -21.33 -3.05 -12.38
C GLY A 587 -22.44 -2.24 -13.06
N ALA A 588 -23.30 -1.65 -12.24
CA ALA A 588 -24.40 -0.83 -12.69
C ALA A 588 -24.58 0.34 -11.73
N LEU A 589 -24.62 1.56 -12.28
CA LEU A 589 -24.78 2.78 -11.51
C LEU A 589 -25.81 3.69 -12.18
N TYR A 590 -26.64 4.36 -11.38
CA TYR A 590 -27.60 5.33 -11.90
C TYR A 590 -27.20 6.73 -11.46
N LEU A 591 -26.99 7.63 -12.44
CA LEU A 591 -26.58 8.99 -12.15
C LEU A 591 -27.79 9.94 -12.20
N PHE A 592 -28.38 10.21 -11.03
CA PHE A 592 -29.35 11.28 -10.92
C PHE A 592 -28.66 12.61 -11.14
N ASP A 593 -29.36 13.55 -11.77
CA ASP A 593 -28.74 14.79 -12.19
C ASP A 593 -28.58 15.78 -11.02
N ASN A 594 -28.92 15.38 -9.79
CA ASN A 594 -28.61 16.16 -8.60
C ASN A 594 -27.24 15.77 -8.02
N GLY A 595 -26.55 14.80 -8.62
CA GLY A 595 -25.24 14.39 -8.12
C GLY A 595 -25.28 13.13 -7.25
N LEU A 596 -26.42 12.44 -7.21
CA LEU A 596 -26.58 11.24 -6.39
C LEU A 596 -26.42 10.03 -7.30
N ALA A 597 -25.61 9.05 -6.87
CA ALA A 597 -25.35 7.88 -7.70
C ALA A 597 -25.37 6.61 -6.84
N PRO A 598 -26.48 5.85 -6.83
CA PRO A 598 -26.46 4.51 -6.27
C PRO A 598 -25.91 3.54 -7.31
N TYR A 599 -25.39 2.41 -6.82
CA TYR A 599 -24.80 1.43 -7.69
C TYR A 599 -24.71 0.08 -6.98
N VAL A 600 -24.60 -0.96 -7.82
CA VAL A 600 -24.35 -2.33 -7.39
C VAL A 600 -23.16 -2.84 -8.21
N SER A 601 -22.40 -3.77 -7.62
CA SER A 601 -21.25 -4.32 -8.32
C SER A 601 -21.01 -5.76 -7.88
N TYR A 602 -20.64 -6.60 -8.84
CA TYR A 602 -20.16 -7.94 -8.58
C TYR A 602 -18.74 -8.07 -9.14
N SER A 603 -17.81 -8.64 -8.36
CA SER A 603 -16.40 -8.63 -8.74
C SER A 603 -15.68 -9.86 -8.21
N GLU A 604 -14.62 -10.27 -8.92
CA GLU A 604 -13.91 -11.50 -8.60
C GLU A 604 -12.39 -11.29 -8.64
N SER A 605 -11.67 -12.12 -7.87
CA SER A 605 -10.23 -12.06 -7.86
C SER A 605 -9.67 -13.46 -7.65
N PHE A 606 -8.38 -13.61 -7.96
CA PHE A 606 -7.67 -14.83 -7.62
C PHE A 606 -6.25 -14.47 -7.23
N ASN A 607 -5.58 -15.39 -6.54
CA ASN A 607 -4.18 -15.20 -6.18
C ASN A 607 -3.54 -16.56 -5.96
N PRO A 608 -2.31 -16.79 -6.48
CA PRO A 608 -1.58 -18.03 -6.19
C PRO A 608 -1.51 -18.30 -4.69
N ASN A 609 -1.71 -19.57 -4.31
CA ASN A 609 -1.73 -19.99 -2.92
C ASN A 609 -0.31 -20.08 -2.36
N ALA A 610 -0.08 -19.43 -1.22
CA ALA A 610 1.25 -19.44 -0.59
C ALA A 610 1.62 -20.81 -0.01
N TYR A 611 0.66 -21.71 0.10
CA TYR A 611 0.90 -23.01 0.78
C TYR A 611 0.85 -24.15 -0.21
N SER A 612 1.43 -25.29 0.18
CA SER A 612 1.55 -26.47 -0.73
C SER A 612 0.97 -27.77 -0.08
N ASP A 613 0.50 -28.76 -0.87
CA ASP A 613 -0.09 -30.06 -0.37
C ASP A 613 0.86 -30.71 0.47
N ALA A 614 1.88 -29.99 0.21
CA ALA A 614 2.83 -30.44 1.09
C ALA A 614 3.43 -31.66 0.39
N SER A 615 2.76 -32.17 -0.66
CA SER A 615 3.40 -33.19 -1.53
C SER A 615 4.35 -32.28 -2.29
N GLY A 616 4.22 -30.98 -2.01
CA GLY A 616 5.14 -29.97 -2.55
C GLY A 616 4.57 -29.14 -3.66
N THR A 617 3.54 -29.62 -4.35
CA THR A 617 2.88 -28.79 -5.37
C THR A 617 2.07 -27.73 -4.66
N PRO A 618 2.02 -26.50 -5.17
CA PRO A 618 1.22 -25.47 -4.55
C PRO A 618 -0.23 -25.86 -4.62
N LEU A 619 -1.00 -25.39 -3.66
CA LEU A 619 -2.46 -25.66 -3.64
C LEU A 619 -3.15 -24.78 -4.70
N ALA A 620 -4.42 -25.07 -4.96
CA ALA A 620 -5.16 -24.28 -5.92
C ALA A 620 -5.19 -22.83 -5.46
N PRO A 621 -5.19 -21.86 -6.41
CA PRO A 621 -5.15 -20.45 -6.04
C PRO A 621 -6.42 -20.05 -5.31
N THR A 622 -6.31 -19.07 -4.42
CA THR A 622 -7.46 -18.61 -3.67
C THR A 622 -8.32 -17.74 -4.58
N GLU A 623 -9.60 -17.62 -4.23
CA GLU A 623 -10.58 -16.92 -5.04
C GLU A 623 -11.36 -15.97 -4.17
N GLY A 624 -11.52 -14.72 -4.64
CA GLY A 624 -12.39 -13.74 -4.01
C GLY A 624 -13.59 -13.42 -4.89
N LYS A 625 -14.76 -13.22 -4.26
CA LYS A 625 -16.00 -12.88 -4.92
C LYS A 625 -16.69 -11.82 -4.06
N GLN A 626 -17.09 -10.70 -4.65
CA GLN A 626 -17.67 -9.60 -3.89
C GLN A 626 -18.99 -9.12 -4.50
N TRP A 627 -19.99 -8.91 -3.64
CA TRP A 627 -21.18 -8.17 -3.99
C TRP A 627 -21.03 -6.82 -3.28
N GLU A 628 -21.21 -5.71 -4.00
CA GLU A 628 -21.09 -4.40 -3.39
C GLU A 628 -22.28 -3.54 -3.76
N LEU A 629 -22.83 -2.85 -2.76
CA LEU A 629 -23.90 -1.87 -2.93
C LEU A 629 -23.32 -0.54 -2.46
N GLY A 630 -23.51 0.52 -3.23
CA GLY A 630 -22.99 1.79 -2.78
C GLY A 630 -23.84 2.99 -3.17
N LEU A 631 -23.53 4.10 -2.52
CA LEU A 631 -24.17 5.37 -2.76
C LEU A 631 -23.10 6.45 -2.72
N LYS A 632 -23.05 7.24 -3.79
CA LYS A 632 -22.16 8.39 -3.89
C LYS A 632 -22.98 9.66 -4.06
N PHE A 633 -22.43 10.77 -3.54
CA PHE A 633 -23.07 12.07 -3.67
C PHE A 633 -22.01 13.16 -3.83
N GLN A 634 -22.11 13.92 -4.93
CA GLN A 634 -21.45 15.21 -5.02
C GLN A 634 -22.44 16.29 -5.44
N ALA A 635 -22.44 17.41 -4.70
CA ALA A 635 -23.28 18.53 -5.09
C ALA A 635 -22.61 19.23 -6.26
N PRO A 636 -23.28 19.29 -7.45
CA PRO A 636 -22.73 19.98 -8.61
C PRO A 636 -22.20 21.35 -8.17
N GLY A 637 -20.94 21.64 -8.54
CA GLY A 637 -20.31 22.88 -8.11
C GLY A 637 -19.50 22.72 -6.81
N SER A 638 -19.98 21.87 -5.88
CA SER A 638 -19.42 21.80 -4.53
C SER A 638 -18.09 21.06 -4.59
N ASN A 639 -17.16 21.40 -3.68
CA ASN A 639 -15.93 20.62 -3.56
C ASN A 639 -16.14 19.67 -2.38
N SER A 640 -17.29 18.99 -2.36
CA SER A 640 -17.62 18.01 -1.35
C SER A 640 -18.03 16.71 -2.02
N PHE A 641 -17.69 15.56 -1.39
CA PHE A 641 -18.00 14.25 -1.95
C PHE A 641 -18.27 13.26 -0.80
N TYR A 642 -19.39 12.54 -0.88
CA TYR A 642 -19.80 11.62 0.16
C TYR A 642 -20.09 10.26 -0.44
N THR A 643 -19.60 9.20 0.22
CA THR A 643 -19.85 7.85 -0.27
C THR A 643 -20.16 6.95 0.91
N ALA A 644 -21.02 5.96 0.64
CA ALA A 644 -21.24 4.83 1.53
C ALA A 644 -21.02 3.57 0.70
N SER A 645 -20.45 2.53 1.32
CA SER A 645 -20.20 1.29 0.61
C SER A 645 -20.55 0.11 1.51
N LEU A 646 -21.43 -0.77 1.00
CA LEU A 646 -21.76 -2.00 1.69
C LEU A 646 -21.16 -3.17 0.91
N PHE A 647 -20.43 -4.07 1.56
CA PHE A 647 -19.71 -5.12 0.86
C PHE A 647 -19.88 -6.48 1.51
N HIS A 648 -19.84 -7.53 0.69
CA HIS A 648 -19.81 -8.91 1.18
C HIS A 648 -18.78 -9.66 0.34
N ILE A 649 -17.67 -10.07 0.98
CA ILE A 649 -16.57 -10.73 0.29
C ILE A 649 -16.39 -12.15 0.82
N THR A 650 -16.19 -13.09 -0.12
CA THR A 650 -15.93 -14.48 0.20
C THR A 650 -14.59 -14.86 -0.42
N GLN A 651 -13.71 -15.46 0.40
CA GLN A 651 -12.45 -15.93 -0.11
C GLN A 651 -12.40 -17.44 -0.01
N GLU A 652 -12.20 -18.11 -1.14
CA GLU A 652 -12.24 -19.57 -1.19
C GLU A 652 -10.85 -20.20 -1.39
N ASN A 653 -10.76 -21.50 -1.09
CA ASN A 653 -9.57 -22.32 -1.22
C ASN A 653 -8.42 -21.85 -0.32
N VAL A 654 -8.72 -21.23 0.82
CA VAL A 654 -7.69 -20.89 1.78
C VAL A 654 -7.12 -22.16 2.42
N ALA A 655 -5.79 -22.16 2.61
CA ALA A 655 -5.07 -23.29 3.18
C ALA A 655 -5.53 -23.55 4.62
N SER A 656 -5.70 -24.82 4.97
CA SER A 656 -6.16 -25.20 6.29
C SER A 656 -5.71 -26.64 6.61
N LYS A 657 -5.45 -26.90 7.90
CA LYS A 657 -5.04 -28.22 8.36
C LYS A 657 -5.47 -28.41 9.82
N GLU A 658 -5.62 -29.66 10.23
CA GLU A 658 -5.71 -29.95 11.65
C GLU A 658 -4.38 -29.63 12.32
N PRO A 659 -4.39 -29.21 13.60
CA PRO A 659 -3.14 -28.84 14.29
C PRO A 659 -2.10 -29.95 14.28
N GLN A 660 -2.56 -31.21 14.46
CA GLN A 660 -1.69 -32.39 14.45
C GLN A 660 -1.61 -33.04 13.06
N ASP A 661 -1.81 -32.24 11.99
CA ASP A 661 -1.71 -32.70 10.61
C ASP A 661 -0.47 -32.12 9.95
N ASN A 662 0.06 -32.88 8.98
CA ASN A 662 1.24 -32.50 8.22
C ASN A 662 0.84 -31.67 7.01
N PHE A 663 -0.22 -32.09 6.31
CA PHE A 663 -0.53 -31.56 4.98
C PHE A 663 -1.59 -30.45 5.07
N TYR A 664 -1.25 -29.28 4.54
CA TYR A 664 -2.27 -28.25 4.37
C TYR A 664 -3.22 -28.66 3.26
N THR A 665 -4.49 -28.25 3.39
CA THR A 665 -5.47 -28.54 2.35
C THR A 665 -6.25 -27.25 2.10
N SER A 666 -6.78 -27.12 0.88
CA SER A 666 -7.38 -25.86 0.43
C SER A 666 -8.89 -25.89 0.58
N VAL A 667 -9.36 -26.00 1.83
CA VAL A 667 -10.79 -26.08 2.12
C VAL A 667 -11.23 -24.96 3.07
N GLY A 668 -10.29 -24.07 3.45
CA GLY A 668 -10.63 -22.95 4.29
C GLY A 668 -11.50 -21.96 3.53
N GLU A 669 -12.14 -21.05 4.28
CA GLU A 669 -12.98 -20.01 3.70
C GLU A 669 -13.08 -18.85 4.70
N VAL A 670 -13.00 -17.62 4.17
CA VAL A 670 -13.05 -16.40 4.95
C VAL A 670 -14.14 -15.53 4.34
N ARG A 671 -14.96 -14.90 5.19
CA ARG A 671 -15.98 -13.99 4.72
C ARG A 671 -15.79 -12.65 5.41
N SER A 672 -15.81 -11.55 4.64
CA SER A 672 -15.75 -10.20 5.21
C SER A 672 -16.87 -9.36 4.64
N GLN A 673 -17.66 -8.77 5.53
CA GLN A 673 -18.77 -7.90 5.16
C GLN A 673 -18.71 -6.68 6.04
N GLY A 674 -19.15 -5.54 5.53
CA GLY A 674 -19.07 -4.35 6.34
C GLY A 674 -19.63 -3.15 5.60
N LEU A 675 -19.39 -1.99 6.20
CA LEU A 675 -19.85 -0.73 5.66
C LEU A 675 -18.71 0.26 5.81
N GLU A 676 -18.48 1.05 4.75
CA GLU A 676 -17.51 2.12 4.79
C GLU A 676 -18.23 3.42 4.44
N LEU A 677 -18.02 4.45 5.26
CA LEU A 677 -18.55 5.77 5.00
C LEU A 677 -17.36 6.72 4.87
N GLU A 678 -17.40 7.62 3.89
CA GLU A 678 -16.30 8.53 3.61
C GLU A 678 -16.86 9.88 3.19
N ALA A 679 -16.27 10.96 3.71
CA ALA A 679 -16.73 12.31 3.48
C ALA A 679 -15.54 13.23 3.25
N HIS A 680 -15.64 14.03 2.19
CA HIS A 680 -14.70 15.12 1.94
C HIS A 680 -15.55 16.38 1.88
N THR A 681 -15.37 17.28 2.86
CA THR A 681 -16.22 18.46 2.94
C THR A 681 -15.37 19.72 2.83
N GLN A 682 -15.76 20.63 1.91
CA GLN A 682 -15.15 21.95 1.82
C GLN A 682 -16.11 23.00 2.37
N LEU A 683 -15.60 23.88 3.25
CA LEU A 683 -16.33 25.06 3.71
C LEU A 683 -15.42 26.29 3.62
N SER A 684 -16.01 27.46 3.85
CA SER A 684 -15.30 28.66 4.27
C SER A 684 -14.25 29.10 3.23
N ASP A 685 -14.13 28.35 2.13
CA ASP A 685 -13.10 28.56 1.12
C ASP A 685 -11.71 28.26 1.69
N ASN A 686 -11.57 28.17 3.02
CA ASN A 686 -10.27 27.91 3.60
C ASN A 686 -10.30 26.90 4.75
N LEU A 687 -11.43 26.22 4.99
CA LEU A 687 -11.49 25.12 5.94
C LEU A 687 -11.76 23.84 5.17
N LYS A 688 -10.87 22.84 5.34
CA LYS A 688 -11.00 21.55 4.67
C LYS A 688 -11.29 20.46 5.70
N LEU A 689 -11.90 19.37 5.25
CA LEU A 689 -12.35 18.33 6.17
C LEU A 689 -12.39 16.97 5.48
N LEU A 690 -11.99 15.94 6.24
CA LEU A 690 -11.99 14.53 5.87
C LEU A 690 -12.57 13.70 6.99
N GLY A 691 -13.53 12.83 6.67
CA GLY A 691 -14.13 11.99 7.68
C GLY A 691 -14.35 10.60 7.12
N SER A 692 -14.32 9.59 8.01
CA SER A 692 -14.42 8.21 7.60
C SER A 692 -14.87 7.34 8.76
N TYR A 693 -15.71 6.34 8.47
CA TYR A 693 -16.11 5.34 9.44
C TYR A 693 -16.10 3.99 8.72
N THR A 694 -15.62 2.94 9.41
CA THR A 694 -15.51 1.60 8.85
C THR A 694 -16.06 0.59 9.86
N TYR A 695 -16.92 -0.33 9.36
CA TYR A 695 -17.33 -1.49 10.12
C TYR A 695 -16.95 -2.73 9.32
N THR A 696 -16.24 -3.67 9.95
CA THR A 696 -15.76 -4.85 9.25
C THR A 696 -16.01 -6.11 10.08
N ASP A 697 -16.82 -7.02 9.54
CA ASP A 697 -17.09 -8.29 10.17
C ASP A 697 -16.43 -9.37 9.33
N ILE A 698 -15.22 -9.78 9.73
CA ILE A 698 -14.49 -10.77 8.96
C ILE A 698 -14.37 -12.05 9.80
N THR A 699 -14.66 -13.20 9.20
CA THR A 699 -14.74 -14.43 9.96
C THR A 699 -14.16 -15.59 9.15
N TYR A 700 -13.61 -16.59 9.87
CA TYR A 700 -13.22 -17.86 9.27
C TYR A 700 -14.46 -18.74 9.22
N THR A 701 -15.24 -18.62 8.15
CA THR A 701 -16.51 -19.32 8.07
C THR A 701 -16.29 -20.81 7.89
N LYS A 702 -15.07 -21.22 7.52
CA LYS A 702 -14.77 -22.62 7.32
C LYS A 702 -13.29 -22.86 7.63
N SER A 703 -13.02 -23.73 8.62
CA SER A 703 -11.65 -24.03 9.01
C SER A 703 -11.57 -25.41 9.66
N LEU A 704 -10.40 -26.05 9.56
CA LEU A 704 -10.18 -27.36 10.16
C LEU A 704 -9.32 -27.22 11.41
N ASP A 705 -8.83 -25.99 11.67
CA ASP A 705 -7.83 -25.76 12.71
C ASP A 705 -8.48 -25.52 14.07
N GLY A 706 -9.81 -25.56 14.17
CA GLY A 706 -10.48 -25.26 15.44
C GLY A 706 -10.70 -23.75 15.65
N ASN A 707 -10.62 -22.96 14.58
CA ASN A 707 -10.84 -21.52 14.67
C ASN A 707 -11.98 -21.13 13.72
N GLN A 708 -12.83 -22.09 13.36
CA GLN A 708 -14.05 -21.81 12.62
C GLN A 708 -14.96 -20.93 13.46
N GLY A 709 -15.44 -19.83 12.88
CA GLY A 709 -16.29 -18.88 13.58
C GLY A 709 -15.51 -17.72 14.17
N HIS A 710 -14.18 -17.83 14.21
CA HIS A 710 -13.35 -16.82 14.85
C HIS A 710 -13.08 -15.64 13.92
N THR A 711 -12.62 -14.54 14.54
CA THR A 711 -12.28 -13.33 13.81
C THR A 711 -10.76 -13.26 13.72
N PRO A 712 -10.17 -13.19 12.50
CA PRO A 712 -8.74 -12.98 12.35
C PRO A 712 -8.20 -11.86 13.23
N ASN A 713 -6.94 -12.02 13.67
CA ASN A 713 -6.25 -10.94 14.35
C ASN A 713 -6.00 -9.80 13.37
N GLN A 714 -5.66 -8.62 13.89
CA GLN A 714 -5.37 -7.45 13.08
C GLN A 714 -6.57 -7.04 12.23
N ALA A 715 -7.79 -7.17 12.77
CA ALA A 715 -8.99 -6.81 12.05
C ALA A 715 -9.98 -6.15 12.99
N PRO A 716 -9.89 -4.81 13.15
CA PRO A 716 -10.80 -4.11 14.05
C PRO A 716 -12.21 -4.13 13.47
N LYS A 717 -13.19 -4.38 14.33
CA LYS A 717 -14.57 -4.29 13.89
C LYS A 717 -14.93 -2.85 13.52
N HIS A 718 -14.35 -1.85 14.20
CA HIS A 718 -14.71 -0.47 13.97
C HIS A 718 -13.46 0.39 13.88
N MET A 719 -13.46 1.32 12.92
CA MET A 719 -12.44 2.36 12.86
C MET A 719 -13.11 3.64 12.44
N ALA A 720 -12.46 4.77 12.72
CA ALA A 720 -12.99 6.08 12.36
C ALA A 720 -11.85 7.09 12.38
N SER A 721 -12.02 8.14 11.57
CA SER A 721 -11.01 9.18 11.49
C SER A 721 -11.66 10.49 11.07
N LEU A 722 -10.94 11.58 11.30
CA LEU A 722 -11.38 12.92 10.97
C LEU A 722 -10.14 13.80 10.94
N TRP A 723 -10.00 14.61 9.88
CA TRP A 723 -8.90 15.55 9.73
C TRP A 723 -9.46 16.88 9.26
N ALA A 724 -8.77 17.97 9.61
CA ALA A 724 -9.23 19.30 9.23
C ALA A 724 -8.02 20.21 9.04
N ASP A 725 -8.15 21.15 8.11
CA ASP A 725 -7.11 22.13 7.85
C ASP A 725 -7.75 23.50 7.59
N TYR A 726 -7.35 24.49 8.40
CA TYR A 726 -7.85 25.85 8.26
C TYR A 726 -6.70 26.75 7.80
N ALA A 727 -6.95 27.52 6.74
CA ALA A 727 -6.01 28.55 6.30
C ALA A 727 -6.65 29.93 6.47
N PHE A 728 -5.82 30.95 6.71
CA PHE A 728 -6.22 32.34 6.60
C PHE A 728 -5.57 32.92 5.33
N ASP A 729 -6.39 33.48 4.43
CA ASP A 729 -5.86 34.10 3.22
C ASP A 729 -6.00 35.62 3.25
N ALA A 730 -6.76 36.14 4.23
CA ALA A 730 -6.88 37.58 4.40
C ALA A 730 -6.67 37.90 5.87
N GLY A 731 -6.07 39.07 6.16
CA GLY A 731 -5.89 39.49 7.53
C GLY A 731 -4.41 39.49 7.93
N PRO A 732 -4.13 39.68 9.24
CA PRO A 732 -2.75 39.71 9.74
C PRO A 732 -2.13 38.31 9.82
N LEU A 733 -2.98 37.28 9.91
CA LEU A 733 -2.53 35.91 9.99
C LEU A 733 -2.50 35.26 8.60
N SER A 734 -2.17 36.05 7.57
CA SER A 734 -2.22 35.58 6.20
C SER A 734 -1.13 34.55 5.97
N GLY A 735 -1.30 33.67 4.97
CA GLY A 735 -0.32 32.62 4.73
C GLY A 735 -0.21 31.60 5.86
N LEU A 736 -1.12 31.64 6.84
CA LEU A 736 -1.01 30.79 8.02
C LEU A 736 -2.02 29.65 7.93
N SER A 737 -1.55 28.43 8.22
CA SER A 737 -2.35 27.22 8.17
C SER A 737 -2.31 26.53 9.53
N ILE A 738 -3.44 26.00 9.98
CA ILE A 738 -3.49 25.16 11.16
C ILE A 738 -4.41 23.97 10.90
N GLY A 739 -3.97 22.76 11.28
CA GLY A 739 -4.78 21.59 11.06
C GLY A 739 -4.51 20.51 12.11
N GLY A 740 -5.34 19.49 12.09
CA GLY A 740 -5.18 18.37 12.99
C GLY A 740 -6.27 17.34 12.74
N GLY A 741 -6.21 16.23 13.46
CA GLY A 741 -7.24 15.21 13.32
C GLY A 741 -7.06 14.10 14.35
N ALA A 742 -7.98 13.13 14.28
CA ALA A 742 -7.95 12.02 15.23
C ALA A 742 -8.26 10.73 14.48
N ARG A 743 -7.73 9.62 15.02
CA ARG A 743 -7.86 8.30 14.41
C ARG A 743 -8.26 7.30 15.48
N TYR A 744 -9.36 6.59 15.23
CA TYR A 744 -9.85 5.58 16.17
C TYR A 744 -9.69 4.21 15.52
N VAL A 745 -9.02 3.29 16.22
CA VAL A 745 -8.96 1.90 15.85
C VAL A 745 -9.59 1.05 16.95
N GLY A 746 -10.65 0.32 16.59
CA GLY A 746 -11.35 -0.52 17.54
C GLY A 746 -10.47 -1.64 18.06
N GLU A 747 -10.97 -2.33 19.07
CA GLU A 747 -10.22 -3.42 19.66
C GLU A 747 -10.05 -4.50 18.61
N THR A 748 -8.99 -5.30 18.76
CA THR A 748 -8.70 -6.34 17.80
C THR A 748 -8.24 -7.57 18.57
N TRP A 749 -8.22 -8.71 17.90
CA TRP A 749 -7.70 -9.92 18.50
C TRP A 749 -6.18 -9.94 18.37
N ALA A 750 -5.52 -10.42 19.43
CA ALA A 750 -4.08 -10.62 19.36
C ALA A 750 -3.74 -11.93 18.63
N ASP A 751 -4.67 -12.87 18.58
CA ASP A 751 -4.37 -14.21 18.09
C ASP A 751 -5.57 -14.79 17.34
N LYS A 752 -5.32 -15.73 16.44
CA LYS A 752 -6.39 -16.33 15.67
C LYS A 752 -7.34 -17.09 16.58
N GLU A 753 -6.76 -17.74 17.60
CA GLU A 753 -7.52 -18.58 18.51
C GLU A 753 -8.44 -17.73 19.39
N ASN A 754 -8.40 -16.39 19.22
CA ASN A 754 -9.30 -15.45 19.89
C ASN A 754 -9.32 -15.70 21.40
N THR A 755 -8.16 -15.51 22.06
CA THR A 755 -8.09 -15.66 23.51
C THR A 755 -7.67 -14.35 24.20
N LEU A 756 -7.23 -13.33 23.46
CA LEU A 756 -6.76 -12.11 24.10
C LEU A 756 -6.93 -10.93 23.14
N ARG A 757 -7.36 -9.80 23.68
CA ARG A 757 -7.71 -8.63 22.90
C ARG A 757 -6.56 -7.65 22.96
N VAL A 758 -6.34 -6.95 21.85
CA VAL A 758 -5.42 -5.83 21.84
C VAL A 758 -6.29 -4.62 22.14
N PRO A 759 -6.03 -3.86 23.23
CA PRO A 759 -6.78 -2.63 23.50
C PRO A 759 -6.96 -1.75 22.24
N ASP A 760 -8.11 -1.07 22.18
CA ASP A 760 -8.37 -0.07 21.16
C ASP A 760 -7.51 1.17 21.42
N TYR A 761 -7.51 2.12 20.49
CA TYR A 761 -6.66 3.30 20.65
C TYR A 761 -7.12 4.45 19.77
N THR A 762 -6.94 5.67 20.31
CA THR A 762 -7.28 6.92 19.63
C THR A 762 -6.02 7.78 19.64
N LEU A 763 -5.61 8.23 18.46
CA LEU A 763 -4.38 9.01 18.31
C LEU A 763 -4.72 10.37 17.74
N VAL A 764 -3.90 11.38 18.08
CA VAL A 764 -4.16 12.74 17.65
C VAL A 764 -2.98 13.23 16.83
N ASP A 765 -3.26 13.94 15.73
CA ASP A 765 -2.23 14.48 14.86
C ASP A 765 -2.51 15.97 14.72
N ALA A 766 -1.46 16.77 14.57
CA ALA A 766 -1.62 18.21 14.48
C ALA A 766 -0.58 18.78 13.54
N ARG A 767 -0.84 19.98 13.03
CA ARG A 767 0.10 20.65 12.15
C ARG A 767 -0.05 22.16 12.24
N ILE A 768 1.03 22.87 11.92
CA ILE A 768 1.07 24.31 11.80
C ILE A 768 1.92 24.64 10.57
N GLY A 769 1.43 25.56 9.73
CA GLY A 769 2.20 25.99 8.57
C GLY A 769 2.02 27.48 8.29
N TYR A 770 3.02 28.05 7.61
CA TYR A 770 3.00 29.47 7.27
C TYR A 770 3.71 29.69 5.94
N ASP A 771 3.02 30.37 5.02
CA ASP A 771 3.60 30.81 3.77
C ASP A 771 4.38 32.10 4.01
N LEU A 772 5.72 32.02 3.97
CA LEU A 772 6.53 33.22 4.14
C LEU A 772 6.44 34.13 2.91
N GLY A 773 5.80 33.66 1.84
CA GLY A 773 5.58 34.51 0.68
C GLY A 773 4.99 35.86 1.07
N LYS A 774 4.13 35.86 2.10
CA LYS A 774 3.46 37.08 2.54
C LYS A 774 4.46 38.08 3.11
N LEU A 775 5.65 37.63 3.54
CA LEU A 775 6.64 38.53 4.14
C LEU A 775 7.68 39.02 3.12
N GLY A 776 7.49 38.69 1.83
CA GLY A 776 8.44 39.08 0.81
C GLY A 776 9.45 37.98 0.45
N LEU A 777 9.20 36.74 0.87
CA LEU A 777 10.07 35.62 0.53
C LEU A 777 9.27 34.64 -0.31
N LYS A 778 9.22 34.91 -1.62
CA LYS A 778 8.24 34.26 -2.48
C LYS A 778 8.58 32.78 -2.61
N GLY A 779 7.54 31.94 -2.48
CA GLY A 779 7.68 30.50 -2.70
C GLY A 779 8.49 29.79 -1.62
N LEU A 780 8.63 30.38 -0.43
CA LEU A 780 9.31 29.76 0.70
C LEU A 780 8.34 29.65 1.86
N ASP A 781 8.09 28.42 2.32
CA ASP A 781 7.10 28.15 3.36
C ASP A 781 7.62 27.09 4.31
N VAL A 782 6.98 27.04 5.48
CA VAL A 782 7.50 26.35 6.64
C VAL A 782 6.35 25.56 7.28
N SER A 783 6.63 24.34 7.71
CA SER A 783 5.60 23.50 8.32
C SER A 783 6.13 22.89 9.62
N LEU A 784 5.21 22.67 10.58
CA LEU A 784 5.50 21.94 11.80
C LEU A 784 4.40 20.90 12.03
N ASN A 785 4.81 19.63 12.13
CA ASN A 785 3.87 18.51 12.24
C ASN A 785 4.14 17.72 13.51
N ALA A 786 3.08 17.09 14.04
CA ALA A 786 3.18 16.14 15.14
C ALA A 786 2.10 15.06 14.96
N ASN A 787 2.55 13.79 14.88
CA ASN A 787 1.65 12.65 14.83
C ASN A 787 1.74 11.87 16.14
N ASN A 788 0.62 11.26 16.55
CA ASN A 788 0.46 10.70 17.89
C ASN A 788 0.86 11.78 18.89
N LEU A 789 0.07 12.85 18.93
CA LEU A 789 0.46 14.05 19.65
C LEU A 789 0.47 13.80 21.17
N LEU A 790 -0.51 13.06 21.68
CA LEU A 790 -0.55 12.74 23.10
C LEU A 790 0.50 11.65 23.45
N ASP A 791 1.28 11.21 22.46
CA ASP A 791 2.42 10.32 22.68
C ASP A 791 1.98 9.02 23.35
N LYS A 792 0.82 8.52 22.93
CA LYS A 792 0.27 7.30 23.52
C LYS A 792 1.25 6.15 23.28
N ASP A 793 1.54 5.41 24.36
CA ASP A 793 2.33 4.18 24.30
C ASP A 793 1.34 3.03 24.24
N TYR A 794 1.36 2.26 23.14
CA TYR A 794 0.30 1.29 22.89
C TYR A 794 0.84 0.18 21.99
N VAL A 795 0.12 -0.94 22.00
CA VAL A 795 0.37 -2.03 21.07
C VAL A 795 -0.61 -1.86 19.90
N ALA A 796 -0.07 -1.64 18.70
CA ALA A 796 -0.89 -1.39 17.51
C ALA A 796 -1.60 -2.67 17.06
N SER A 797 -0.90 -3.80 17.11
CA SER A 797 -1.47 -5.07 16.65
C SER A 797 -0.56 -6.21 17.10
N CYS A 798 -1.04 -7.45 16.92
CA CYS A 798 -0.24 -8.64 17.17
C CYS A 798 -0.45 -9.64 16.05
N TYR A 799 0.65 -10.22 15.53
CA TYR A 799 0.56 -11.29 14.57
C TYR A 799 0.14 -12.56 15.28
N SER A 800 0.55 -12.71 16.54
CA SER A 800 0.17 -13.85 17.36
C SER A 800 0.49 -13.51 18.80
N LEU A 801 0.28 -14.48 19.70
CA LEU A 801 0.57 -14.28 21.11
C LEU A 801 2.07 -14.00 21.34
N ASP A 802 2.94 -14.42 20.42
CA ASP A 802 4.37 -14.20 20.54
C ASP A 802 4.87 -12.92 19.86
N PHE A 803 4.08 -12.32 18.95
CA PHE A 803 4.56 -11.21 18.13
C PHE A 803 3.56 -10.05 18.14
N CYS A 804 3.78 -9.11 19.06
CA CYS A 804 2.97 -7.91 19.17
C CYS A 804 3.83 -6.71 18.83
N TYR A 805 3.23 -5.72 18.17
CA TYR A 805 3.98 -4.60 17.63
C TYR A 805 3.59 -3.30 18.33
N PHE A 806 4.59 -2.47 18.62
CA PHE A 806 4.33 -1.17 19.21
C PHE A 806 3.99 -0.16 18.11
N GLY A 807 3.01 0.68 18.38
CA GLY A 807 2.74 1.81 17.51
C GLY A 807 3.85 2.86 17.66
N GLU A 808 3.98 3.71 16.63
CA GLU A 808 4.99 4.75 16.60
C GLU A 808 4.75 5.71 17.77
N LYS A 809 5.84 6.16 18.38
CA LYS A 809 5.72 7.18 19.41
C LYS A 809 5.43 8.53 18.76
N ARG A 810 5.43 9.61 19.55
CA ARG A 810 5.26 10.94 19.01
C ARG A 810 6.29 11.18 17.90
N ASN A 811 5.86 11.75 16.78
CA ASN A 811 6.76 12.11 15.69
C ASN A 811 6.60 13.61 15.45
N VAL A 812 7.66 14.39 15.74
CA VAL A 812 7.63 15.82 15.51
C VAL A 812 8.50 16.11 14.29
N THR A 813 8.03 17.00 13.42
CA THR A 813 8.71 17.27 12.15
C THR A 813 8.59 18.76 11.82
N ALA A 814 9.69 19.33 11.30
CA ALA A 814 9.72 20.71 10.85
C ALA A 814 10.33 20.77 9.46
N THR A 815 9.63 21.40 8.50
CA THR A 815 10.04 21.33 7.11
C THR A 815 10.14 22.74 6.49
N VAL A 816 11.11 22.90 5.58
CA VAL A 816 11.21 24.09 4.76
C VAL A 816 11.17 23.69 3.28
N ASN A 817 10.30 24.36 2.53
CA ASN A 817 10.14 24.14 1.10
C ASN A 817 10.44 25.45 0.38
N TYR A 818 11.18 25.36 -0.74
CA TYR A 818 11.59 26.55 -1.47
C TYR A 818 11.38 26.35 -2.97
N GLN A 819 10.44 27.11 -3.55
CA GLN A 819 10.21 27.10 -4.99
C GLN A 819 10.95 28.26 -5.66
N PHE A 820 11.38 28.06 -6.91
CA PHE A 820 12.00 29.13 -7.69
C PHE A 820 12.24 28.67 -9.14
C1 BOG B . -23.55 -15.03 -2.46
O1 BOG B . -23.50 -13.68 -2.06
C2 BOG B . -22.53 -15.26 -3.57
O2 BOG B . -22.86 -14.54 -4.77
C3 BOG B . -22.45 -16.74 -3.89
O3 BOG B . -21.37 -16.92 -4.83
C4 BOG B . -22.22 -17.57 -2.65
O4 BOG B . -22.32 -18.96 -3.01
C5 BOG B . -23.28 -17.24 -1.56
O5 BOG B . -23.26 -15.82 -1.31
C6 BOG B . -22.99 -17.91 -0.22
O6 BOG B . -22.02 -17.13 0.53
C1' BOG B . -23.81 -13.48 -0.67
C2' BOG B . -25.20 -12.97 -0.53
C3' BOG B . -25.35 -11.62 -1.17
C4' BOG B . -24.72 -10.51 -0.37
C5' BOG B . -25.50 -9.20 -0.42
C6' BOG B . -24.69 -8.02 -0.85
C7' BOG B . -24.73 -6.85 0.10
C8' BOG B . -23.50 -6.74 0.98
O1 BOG C . 0.64 -20.93 -21.79
C1' BOG C . 1.08 -19.79 -22.57
C2' BOG C . 0.10 -18.67 -22.43
C3' BOG C . 0.21 -17.70 -23.59
C4' BOG C . -0.88 -17.93 -24.63
C5' BOG C . -2.03 -16.94 -24.49
C6' BOG C . -1.74 -15.59 -25.14
C7' BOG C . -2.81 -15.22 -26.14
C8' BOG C . -2.46 -14.01 -27.00
C1 GOL D . 2.95 -19.26 -4.77
O1 GOL D . 2.28 -20.40 -5.33
C2 GOL D . 4.37 -19.58 -4.31
O2 GOL D . 4.68 -18.93 -3.07
C3 GOL D . 4.61 -21.08 -4.21
O3 GOL D . 5.91 -21.43 -4.71
C1 GOL E . 11.35 11.85 8.13
O1 GOL E . 11.63 13.04 7.40
C2 GOL E . 12.09 10.65 7.58
O2 GOL E . 13.42 10.58 8.12
C3 GOL E . 11.37 9.32 7.79
O3 GOL E . 10.92 9.15 9.14
N NH4 F . 12.64 -20.95 14.48
N NH4 G . 11.06 -17.03 4.97
C1 BOG H . -24.21 -15.66 -7.77
O1 BOG H . -24.84 -15.23 -6.58
C2 BOG H . -24.33 -14.56 -8.84
O2 BOG H . -25.71 -14.43 -9.24
C3 BOG H . -23.50 -14.90 -10.09
O3 BOG H . -23.36 -13.71 -10.87
C4 BOG H . -22.11 -15.43 -9.75
O4 BOG H . -21.52 -16.06 -10.92
C5 BOG H . -22.16 -16.49 -8.63
O5 BOG H . -22.84 -15.93 -7.47
C6 BOG H . -20.79 -16.91 -8.16
O6 BOG H . -20.39 -16.18 -6.96
C1' BOG H . -26.00 -16.01 -6.24
C2' BOG H . -27.06 -15.10 -5.65
C3' BOG H . -26.47 -14.02 -4.73
C4' BOG H . -27.48 -12.98 -4.32
C5' BOG H . -27.47 -11.74 -5.16
C6' BOG H . -27.06 -10.49 -4.41
C7' BOG H . -27.54 -9.20 -5.04
C8' BOG H . -27.20 -7.98 -4.22
S DMS I . -6.44 -13.21 6.20
O DMS I . -6.95 -12.27 7.36
C1 DMS I . -6.37 -12.31 4.69
C2 DMS I . -7.75 -14.32 5.68
C1 C8E J . 18.32 3.27 -15.01
C2 C8E J . 18.61 2.51 -13.74
C3 C8E J . 20.09 2.25 -13.53
C4 C8E J . 20.55 2.42 -12.08
C5 C8E J . 21.53 1.38 -11.55
C6 C8E J . 22.53 1.93 -10.54
C7 C8E J . 23.15 0.89 -9.67
C8 C8E J . 24.04 1.47 -8.54
O9 C8E J . 25.25 2.04 -9.07
C10 C8E J . 25.46 3.37 -8.61
C1 C8E K . -24.44 9.45 1.08
C2 C8E K . -23.31 8.89 1.93
C3 C8E K . -23.25 9.48 3.31
C4 C8E K . -22.07 9.01 4.17
C5 C8E K . -21.26 10.11 4.84
C6 C8E K . -21.51 10.22 6.33
C7 C8E K . -20.33 10.76 7.13
C8 C8E K . -19.51 9.66 7.81
O9 C8E K . -18.36 10.17 8.49
C10 C8E K . -18.24 9.71 9.85
C1 BOG L . -31.41 -18.05 -5.78
O1 BOG L . -32.10 -16.90 -5.37
C2 BOG L . -29.91 -17.79 -5.53
O2 BOG L . -29.20 -17.97 -6.77
C3 BOG L . -29.29 -18.60 -4.36
O3 BOG L . -28.42 -17.74 -3.60
C4 BOG L . -30.33 -19.19 -3.45
O4 BOG L . -29.70 -19.97 -2.43
C5 BOG L . -31.23 -20.06 -4.30
O5 BOG L . -32.03 -19.20 -5.15
C6 BOG L . -32.16 -20.92 -3.46
O6 BOG L . -33.29 -21.35 -4.23
C1' BOG L . -32.29 -15.90 -6.39
C2' BOG L . -31.46 -14.70 -6.07
C3' BOG L . -32.20 -13.40 -6.31
C4' BOG L . -31.36 -12.18 -5.99
C5' BOG L . -31.76 -10.94 -6.77
C6' BOG L . -32.95 -10.23 -6.19
C7' BOG L . -32.90 -8.72 -6.36
C8' BOG L . -32.39 -7.98 -5.11
C1 C8E M . -30.51 2.47 -2.71
C2 C8E M . -30.17 1.14 -3.37
C3 C8E M . -28.68 0.98 -3.72
C4 C8E M . -27.72 1.93 -3.01
C5 C8E M . -27.19 1.37 -1.71
C6 C8E M . -26.25 2.27 -0.92
C7 C8E M . -26.76 2.51 0.50
C8 C8E M . -25.68 2.74 1.54
O9 C8E M . -26.33 2.84 2.82
C10 C8E M . -25.76 3.84 3.67
C11 C8E M . -26.63 4.02 4.86
O12 C8E M . -25.84 4.46 5.96
C13 C8E M . -25.90 5.87 6.18
C14 C8E M . -25.26 6.21 7.52
O15 C8E M . -25.51 7.57 7.85
C16 C8E M . -25.27 7.94 9.21
C17 C8E M . -24.12 7.16 9.88
O18 C8E M . -24.59 6.01 10.61
C19 C8E M . -23.81 4.84 10.33
C20 C8E M . -23.44 4.10 11.61
O21 C8E M . -23.71 2.70 11.52
C1 GOL N . -1.59 5.36 -12.08
O1 GOL N . -1.23 4.01 -11.67
C2 GOL N . -1.29 5.72 -13.54
O2 GOL N . -2.21 6.72 -14.01
C3 GOL N . 0.12 6.27 -13.69
O3 GOL N . 0.72 6.03 -14.98
S SO4 O . -15.16 -9.75 17.30
O1 SO4 O . -15.94 -9.97 18.58
O2 SO4 O . -14.32 -10.93 17.02
O3 SO4 O . -16.18 -9.60 16.24
O4 SO4 O . -14.32 -8.53 17.36
S SO4 P . -1.96 -7.61 34.16
O1 SO4 P . -1.79 -9.10 34.04
O2 SO4 P . -1.18 -7.12 35.32
O3 SO4 P . -1.48 -6.92 32.95
O4 SO4 P . -3.40 -7.29 34.36
S SO4 Q . -2.72 11.24 -14.38
O1 SO4 Q . -3.02 11.47 -12.92
O2 SO4 Q . -2.75 9.78 -14.71
O3 SO4 Q . -1.34 11.75 -14.67
O4 SO4 Q . -3.72 11.99 -15.23
NA NA R . -9.18 -8.80 15.16
C11 A1H1T S . 7.73 -9.68 13.02
C15 A1H1T S . 4.70 -11.17 9.80
C16 A1H1T S . 4.17 -10.20 8.74
C17 A1H1T S . 3.49 -10.78 7.51
C18 A1H1T S . 5.02 -9.48 5.98
C20 A1H1T S . 7.16 -9.14 4.73
C21 A1H1T S . 8.07 -9.68 3.62
C22 A1H1T S . 9.40 -10.19 4.14
C25 A1H1T S . 8.99 -18.72 12.02
C26 A1H1T S . 9.70 -17.98 10.90
C10 A1H1T S . 9.25 -9.83 13.04
C13 A1H1T S . 6.39 -9.03 10.95
C24 A1H1T S . 7.63 -16.68 12.65
C28 A1H1T S . 9.12 -18.70 8.59
C01 A1H1T S . 6.67 -16.53 11.47
C02 A1H1T S . 7.19 -15.52 10.45
C03 A1H1T S . 8.18 -14.55 11.09
C04 A1H1T S . 9.65 -14.92 10.84
N01 A1H1T S . 10.13 -14.00 9.85
C05 A1H1T S . 11.22 -13.09 10.11
C06 A1H1T S . 11.92 -13.07 11.46
C07 A1H1T S . 11.28 -12.13 12.46
C08 A1H1T S . 10.24 -12.73 13.39
N02 A1H1T S . 9.50 -11.89 14.31
C09 A1H1T S . 9.76 -10.46 14.33
C12 A1H1T S . 7.32 -8.55 12.07
N03 A1H1T S . 7.01 -10.15 10.29
C14 A1H1T S . 6.22 -11.22 9.72
N04 A1H1T S . 3.92 -10.42 6.16
C19 A1H1T S . 5.83 -9.89 4.75
N05 A1H1T S . 9.23 -10.97 5.34
C23 A1H1T S . 9.06 -12.40 5.33
N06 A1H1T S . 7.98 -18.07 12.85
N07 A1H1T S . 9.95 -18.83 9.77
O01 A1H1T S . 9.25 -19.85 12.23
O02 A1H1T S . 11.57 -12.34 9.27
O03 A1H1T S . 2.61 -11.55 7.63
C27 A1H1T S . 9.04 -13.23 4.04
O04 A1H1T S . 8.92 -12.96 6.33
O05 A1H1T S . 10.05 -13.89 13.35
O06 A1H1T S . 6.73 -12.13 9.20
O07 A1H1T S . 9.47 -14.05 8.63
O08 A1H1T S . 8.40 -10.20 10.21
O09 A1H1T S . 9.23 -10.29 6.56
C29 A1H1T S . 11.26 -19.38 9.57
N08 A1H1T S . 8.30 -17.68 8.50
C30 A1H1T S . 7.53 -17.51 7.45
C31 A1H1T S . 7.57 -18.42 6.41
C32 A1H1T S . 8.43 -19.51 6.48
C33 A1H1T S . 9.23 -19.65 7.60
C34 A1H1T S . 11.48 -20.74 9.70
C35 A1H1T S . 12.74 -21.27 9.50
C36 A1H1T S . 13.76 -20.39 9.17
C37 A1H1T S . 13.48 -19.04 9.05
N09 A1H1T S . 12.27 -18.58 9.25
FE A1H1T S . 9.06 -11.76 8.53
#